data_6JHI
#
_entry.id   6JHI
#
_cell.length_a   50.757
_cell.length_b   98.517
_cell.length_c   141.824
_cell.angle_alpha   90.00
_cell.angle_beta   90.00
_cell.angle_gamma   90.00
#
_symmetry.space_group_name_H-M   'P 2 21 21'
#
loop_
_entity.id
_entity.type
_entity.pdbx_description
1 polymer Pulullanase
2 branched alpha-D-glucopyranose-(1-4)-alpha-D-glucopyranose
3 non-polymer 'CALCIUM ION'
4 non-polymer 'CHLORIDE ION'
5 water water
#
_entity_poly.entity_id   1
_entity_poly.type   'polypeptide(L)'
_entity_poly.pdbx_seq_one_letter_code
;MLSVQKEFHGTIDYGDVTVTGGISVFDAKFDELYVYDGDDLGAVYAPEETRFRLWAPTASEAFVVLYETEDGMPVKELPM
KRDVQGTWTLTVAEDCGGLFYTYRVKVGEQWNEAVDPYAKAVGVNGTKTAILDLRSTNPEGWENDQKPPLASPTDAVIYE
LHVRDLSIHPQSGIREKGKFLGLTEEGTRGPNGIPTGLDHITGLGVTHVQLLPIYDYSQESVDESRLDEPHYNWGYDPQN
YNVPEGSYSTDPHNPAARILELKRLIQKLHARGLRVIMDVVYNHVYDGYLIHFTKLVPGYYLRYKADRTFSDGTFCGNEC
ASERPIMRKYIIESILHWVREYHIDGFRFDLMGMIDIETMNEIRRRLDEIDPTILTIGEGWMMETVLPKELRANQDNAEK
LPGIGMFNDGMRDAVKGDIFIFDRKGFISGGDGFEDGVKRGVAGGINYGGQLRQFAVEPVQSVNYVECHANHTLWDKIEL
STPGASDEERRAMHRLASAIVLTSQGIPFLHAGQEFMRTKGGVENSYKSPIEVNWLDWERCAAHQDDVSYMRSLIALRKA
HPAFRLKTADEIRAHLRFEAAPPHTVAFTLRDHAGGDPDRHLYVLYNANPGALSLELPALGPWEVRFGGEHVLALEAGAS
GEAAAAAPAAAGGPPAGGARLEVRGVGVVVLAVPR
;
_entity_poly.pdbx_strand_id   A
#
loop_
_chem_comp.id
_chem_comp.type
_chem_comp.name
_chem_comp.formula
CA non-polymer 'CALCIUM ION' 'Ca 2'
CL non-polymer 'CHLORIDE ION' 'Cl -1'
GLC D-saccharide, alpha linking alpha-D-glucopyranose 'C6 H12 O6'
#
# COMPACT_ATOMS: atom_id res chain seq x y z
N HIS A 9 -12.81 23.15 -16.72
CA HIS A 9 -13.88 22.34 -17.28
C HIS A 9 -15.14 23.17 -17.68
N GLY A 10 -16.16 22.54 -18.31
CA GLY A 10 -17.42 23.14 -18.73
C GLY A 10 -18.62 23.04 -17.77
N THR A 11 -19.70 22.34 -18.17
CA THR A 11 -20.96 22.33 -17.43
C THR A 11 -21.26 20.96 -16.80
N ILE A 12 -21.70 20.96 -15.54
CA ILE A 12 -22.24 19.74 -14.92
C ILE A 12 -23.74 19.95 -14.68
N ASP A 13 -24.54 19.06 -15.25
CA ASP A 13 -26.00 19.08 -15.14
C ASP A 13 -26.41 17.86 -14.31
N TYR A 14 -27.00 18.09 -13.14
CA TYR A 14 -27.25 17.01 -12.19
C TYR A 14 -28.54 16.25 -12.46
N GLY A 15 -29.30 16.60 -13.50
CA GLY A 15 -30.40 15.76 -13.91
C GLY A 15 -31.76 16.42 -13.96
N ASP A 16 -32.61 15.88 -14.84
CA ASP A 16 -34.04 16.18 -14.86
C ASP A 16 -34.71 15.46 -13.70
N VAL A 17 -35.08 16.22 -12.67
CA VAL A 17 -35.62 15.69 -11.42
C VAL A 17 -36.88 14.84 -11.63
N THR A 18 -37.61 15.02 -12.73
CA THR A 18 -38.79 14.18 -12.99
C THR A 18 -38.43 12.76 -13.44
N VAL A 19 -37.20 12.51 -13.88
CA VAL A 19 -36.82 11.16 -14.23
C VAL A 19 -36.76 10.27 -12.98
N THR A 20 -36.47 10.85 -11.83
CA THR A 20 -36.32 10.11 -10.59
C THR A 20 -37.38 10.52 -9.57
N GLY A 21 -38.62 10.68 -10.03
CA GLY A 21 -39.73 10.96 -9.13
C GLY A 21 -39.58 12.19 -8.26
N GLY A 22 -38.94 13.24 -8.77
CA GLY A 22 -38.79 14.44 -7.99
C GLY A 22 -37.71 14.38 -6.92
N ILE A 23 -37.02 13.27 -6.77
CA ILE A 23 -35.94 13.15 -5.80
C ILE A 23 -34.62 13.49 -6.46
N SER A 24 -33.89 14.44 -5.87
CA SER A 24 -32.59 14.85 -6.37
C SER A 24 -31.49 13.90 -5.90
N VAL A 25 -30.46 13.76 -6.74
CA VAL A 25 -29.27 12.96 -6.40
C VAL A 25 -28.63 13.42 -5.09
N PHE A 26 -28.85 14.67 -4.69
CA PHE A 26 -28.30 15.19 -3.45
C PHE A 26 -29.17 14.89 -2.23
N ASP A 27 -30.39 14.41 -2.44
CA ASP A 27 -31.31 14.14 -1.34
C ASP A 27 -30.91 12.87 -0.60
N ALA A 28 -31.04 12.91 0.73
CA ALA A 28 -30.78 11.71 1.54
C ALA A 28 -31.67 10.55 1.12
N LYS A 29 -32.90 10.86 0.71
CA LYS A 29 -33.82 9.83 0.23
C LYS A 29 -33.27 9.07 -0.97
N PHE A 30 -32.42 9.69 -1.78
CA PHE A 30 -31.99 9.06 -3.03
C PHE A 30 -31.30 7.72 -2.79
N ASP A 31 -30.61 7.56 -1.65
CA ASP A 31 -29.82 6.36 -1.37
C ASP A 31 -30.68 5.11 -1.24
N GLU A 32 -31.98 5.25 -0.97
CA GLU A 32 -32.89 4.11 -0.87
C GLU A 32 -33.51 3.70 -2.20
N LEU A 33 -33.38 4.52 -3.24
CA LEU A 33 -33.87 4.15 -4.55
C LEU A 33 -32.75 3.48 -5.36
N TYR A 34 -33.18 2.66 -6.32
CA TYR A 34 -32.28 2.06 -7.32
C TYR A 34 -31.11 1.33 -6.69
N VAL A 35 -31.39 0.51 -5.69
CA VAL A 35 -30.31 -0.17 -4.94
C VAL A 35 -30.05 -1.49 -5.67
N TYR A 36 -29.35 -1.38 -6.80
CA TYR A 36 -29.09 -2.55 -7.62
C TYR A 36 -28.14 -3.52 -6.91
N ASP A 37 -28.54 -4.78 -6.81
CA ASP A 37 -27.78 -5.78 -6.08
C ASP A 37 -27.16 -6.87 -6.95
N GLY A 38 -27.27 -6.76 -8.28
CA GLY A 38 -26.72 -7.79 -9.16
C GLY A 38 -25.20 -7.75 -9.26
N ASP A 39 -24.66 -8.85 -9.80
CA ASP A 39 -23.23 -9.09 -9.88
C ASP A 39 -22.64 -8.78 -11.24
N ASP A 40 -23.39 -8.12 -12.12
CA ASP A 40 -23.04 -8.11 -13.54
C ASP A 40 -22.89 -6.70 -14.12
N LEU A 41 -22.59 -5.69 -13.30
CA LEU A 41 -22.30 -4.38 -13.87
C LEU A 41 -21.08 -4.48 -14.77
N GLY A 42 -21.10 -3.74 -15.88
CA GLY A 42 -20.03 -3.83 -16.86
C GLY A 42 -20.42 -4.66 -18.07
N ALA A 43 -19.45 -5.33 -18.70
CA ALA A 43 -19.69 -6.09 -19.92
C ALA A 43 -19.22 -7.52 -19.75
N VAL A 44 -20.03 -8.48 -20.22
CA VAL A 44 -19.71 -9.91 -20.19
C VAL A 44 -19.57 -10.38 -21.64
N TYR A 45 -18.34 -10.71 -22.04
CA TYR A 45 -18.04 -11.10 -23.41
C TYR A 45 -18.09 -12.61 -23.58
N ALA A 46 -18.53 -13.03 -24.77
CA ALA A 46 -18.42 -14.37 -25.29
C ALA A 46 -18.44 -14.24 -26.81
N PRO A 47 -17.82 -15.17 -27.55
CA PRO A 47 -17.95 -15.14 -29.01
C PRO A 47 -19.39 -15.01 -29.49
N GLU A 48 -20.33 -15.74 -28.88
CA GLU A 48 -21.72 -15.67 -29.29
C GLU A 48 -22.31 -14.27 -29.11
N GLU A 49 -22.11 -13.67 -27.93
CA GLU A 49 -22.76 -12.41 -27.62
C GLU A 49 -22.02 -11.73 -26.47
N THR A 50 -22.28 -10.43 -26.31
CA THR A 50 -21.76 -9.64 -25.21
C THR A 50 -22.92 -8.93 -24.54
N ARG A 51 -22.95 -8.94 -23.21
CA ARG A 51 -24.02 -8.32 -22.44
C ARG A 51 -23.46 -7.17 -21.61
N PHE A 52 -24.06 -5.99 -21.76
CA PHE A 52 -23.68 -4.78 -21.04
C PHE A 52 -24.71 -4.44 -19.98
N ARG A 53 -24.26 -3.95 -18.82
CA ARG A 53 -25.15 -3.35 -17.83
C ARG A 53 -24.53 -2.11 -17.18
N LEU A 54 -25.25 -1.00 -17.23
CA LEU A 54 -24.80 0.28 -16.70
C LEU A 54 -25.79 0.79 -15.65
N TRP A 55 -25.27 1.28 -14.52
CA TRP A 55 -26.10 1.95 -13.51
C TRP A 55 -26.10 3.44 -13.82
N ALA A 56 -27.24 3.97 -14.25
CA ALA A 56 -27.37 5.38 -14.59
C ALA A 56 -28.82 5.80 -14.36
N PRO A 57 -29.23 5.90 -13.09
CA PRO A 57 -30.65 6.15 -12.79
C PRO A 57 -31.14 7.55 -13.14
N THR A 58 -30.28 8.57 -13.15
CA THR A 58 -30.72 9.93 -13.46
C THR A 58 -30.72 10.24 -14.95
N ALA A 59 -30.23 9.34 -15.79
CA ALA A 59 -30.23 9.60 -17.22
C ALA A 59 -31.60 9.30 -17.82
N SER A 60 -31.95 10.07 -18.85
CA SER A 60 -33.17 9.76 -19.58
C SER A 60 -32.93 8.84 -20.78
N GLU A 61 -31.69 8.72 -21.25
CA GLU A 61 -31.35 7.85 -22.37
C GLU A 61 -29.92 7.35 -22.21
N ALA A 62 -29.64 6.21 -22.85
CA ALA A 62 -28.35 5.55 -22.70
C ALA A 62 -28.04 4.69 -23.92
N PHE A 63 -26.82 4.81 -24.44
CA PHE A 63 -26.37 4.17 -25.67
C PHE A 63 -25.04 3.47 -25.43
N VAL A 64 -24.83 2.35 -26.12
CA VAL A 64 -23.51 1.71 -26.23
C VAL A 64 -22.90 2.12 -27.56
N VAL A 65 -21.71 2.70 -27.52
CA VAL A 65 -21.01 3.22 -28.70
C VAL A 65 -19.83 2.31 -28.99
N LEU A 66 -19.85 1.67 -30.16
CA LEU A 66 -18.83 0.71 -30.54
C LEU A 66 -17.80 1.37 -31.46
N TYR A 67 -16.54 0.98 -31.28
CA TYR A 67 -15.42 1.42 -32.09
C TYR A 67 -14.65 0.19 -32.54
N GLU A 68 -14.03 0.28 -33.72
CA GLU A 68 -13.18 -0.80 -34.20
C GLU A 68 -11.72 -0.62 -33.80
N THR A 69 -11.26 0.62 -33.56
CA THR A 69 -9.90 0.94 -33.16
C THR A 69 -9.92 1.89 -31.98
N GLU A 70 -8.82 1.89 -31.19
CA GLU A 70 -8.78 2.69 -29.96
C GLU A 70 -8.88 4.19 -30.23
N ASP A 71 -8.68 4.60 -31.48
CA ASP A 71 -8.75 6.01 -31.85
C ASP A 71 -9.73 6.28 -32.98
N GLY A 72 -10.37 5.25 -33.54
CA GLY A 72 -11.23 5.41 -34.69
C GLY A 72 -12.51 6.18 -34.36
N MET A 73 -13.37 6.26 -35.39
CA MET A 73 -14.71 6.83 -35.30
C MET A 73 -15.70 5.77 -34.83
N PRO A 74 -16.82 6.17 -34.24
CA PRO A 74 -17.86 5.18 -33.86
C PRO A 74 -18.29 4.39 -35.08
N VAL A 75 -18.29 3.06 -34.94
CA VAL A 75 -18.87 2.22 -35.98
C VAL A 75 -20.32 1.82 -35.70
N LYS A 76 -20.86 2.15 -34.53
CA LYS A 76 -22.19 1.69 -34.14
C LYS A 76 -22.61 2.39 -32.85
N GLU A 77 -23.89 2.69 -32.74
CA GLU A 77 -24.44 3.44 -31.60
C GLU A 77 -25.82 2.83 -31.31
N LEU A 78 -25.90 2.03 -30.27
CA LEU A 78 -27.08 1.19 -30.04
C LEU A 78 -27.82 1.61 -28.77
N PRO A 79 -29.11 1.90 -28.85
CA PRO A 79 -29.88 2.24 -27.64
C PRO A 79 -29.88 1.09 -26.65
N MET A 80 -29.86 1.44 -25.35
CA MET A 80 -29.98 0.48 -24.26
C MET A 80 -31.40 0.50 -23.71
N LYS A 81 -31.80 -0.59 -23.08
CA LYS A 81 -33.13 -0.70 -22.52
C LYS A 81 -33.10 -0.30 -21.05
N ARG A 82 -34.04 0.54 -20.66
CA ARG A 82 -34.19 0.89 -19.25
C ARG A 82 -34.57 -0.37 -18.46
N ASP A 83 -33.76 -0.71 -17.45
CA ASP A 83 -33.93 -1.96 -16.74
C ASP A 83 -34.20 -1.72 -15.26
N VAL A 84 -33.92 -2.70 -14.40
CA VAL A 84 -34.32 -2.62 -12.99
C VAL A 84 -33.34 -1.78 -12.18
N GLN A 85 -33.90 -1.17 -11.12
CA GLN A 85 -33.14 -0.52 -10.04
C GLN A 85 -32.10 0.47 -10.59
N GLY A 86 -32.48 1.23 -11.61
CA GLY A 86 -31.64 2.29 -12.12
C GLY A 86 -30.71 1.91 -13.24
N THR A 87 -30.69 0.65 -13.67
CA THR A 87 -29.73 0.18 -14.66
C THR A 87 -30.31 0.21 -16.09
N TRP A 88 -29.40 0.16 -17.05
CA TRP A 88 -29.68 -0.01 -18.47
C TRP A 88 -28.98 -1.26 -18.96
N THR A 89 -29.54 -1.92 -19.98
CA THR A 89 -29.00 -3.19 -20.46
C THR A 89 -28.97 -3.24 -21.99
N LEU A 90 -28.12 -4.12 -22.52
CA LEU A 90 -28.05 -4.40 -23.95
C LEU A 90 -27.33 -5.71 -24.19
N THR A 91 -27.83 -6.47 -25.17
CA THR A 91 -27.14 -7.66 -25.68
C THR A 91 -26.81 -7.41 -27.15
N VAL A 92 -25.54 -7.46 -27.50
CA VAL A 92 -25.10 -7.42 -28.89
C VAL A 92 -24.87 -8.85 -29.35
N ALA A 93 -25.62 -9.26 -30.38
CA ALA A 93 -25.58 -10.63 -30.87
C ALA A 93 -24.50 -10.84 -31.92
N GLU A 94 -23.34 -10.23 -31.75
CA GLU A 94 -22.19 -10.46 -32.62
C GLU A 94 -20.99 -10.82 -31.76
N ASP A 95 -19.98 -11.42 -32.41
CA ASP A 95 -18.68 -11.63 -31.81
C ASP A 95 -18.00 -10.27 -31.70
N CYS A 96 -17.96 -9.72 -30.49
CA CYS A 96 -17.45 -8.38 -30.27
C CYS A 96 -15.96 -8.35 -29.96
N GLY A 97 -15.29 -9.50 -29.98
CA GLY A 97 -13.86 -9.58 -29.74
C GLY A 97 -13.03 -8.57 -30.50
N GLY A 98 -12.12 -7.87 -29.80
CA GLY A 98 -11.32 -6.86 -30.46
C GLY A 98 -12.01 -5.54 -30.70
N LEU A 99 -13.24 -5.36 -30.22
CA LEU A 99 -13.91 -4.08 -30.32
C LEU A 99 -13.62 -3.20 -29.09
N PHE A 100 -13.95 -1.92 -29.20
CA PHE A 100 -13.91 -0.98 -28.08
C PHE A 100 -15.28 -0.35 -27.90
N TYR A 101 -15.57 0.13 -26.69
CA TYR A 101 -16.88 0.73 -26.47
C TYR A 101 -16.85 1.75 -25.37
N THR A 102 -17.82 2.67 -25.45
CA THR A 102 -18.15 3.60 -24.39
C THR A 102 -19.66 3.60 -24.18
N TYR A 103 -20.08 4.27 -23.13
CA TYR A 103 -21.48 4.61 -22.90
C TYR A 103 -21.71 6.08 -23.21
N ARG A 104 -22.83 6.40 -23.87
CA ARG A 104 -23.29 7.78 -24.01
C ARG A 104 -24.64 7.93 -23.33
N VAL A 105 -24.74 8.87 -22.39
CA VAL A 105 -25.98 9.09 -21.65
C VAL A 105 -26.43 10.53 -21.87
N LYS A 106 -27.74 10.75 -21.66
CA LYS A 106 -28.30 12.09 -21.56
C LYS A 106 -28.75 12.29 -20.12
N VAL A 107 -28.09 13.21 -19.43
CA VAL A 107 -28.43 13.59 -18.08
C VAL A 107 -28.81 15.07 -18.10
N GLY A 108 -30.05 15.36 -17.74
CA GLY A 108 -30.58 16.71 -17.98
C GLY A 108 -30.57 16.99 -19.47
N GLU A 109 -29.99 18.12 -19.86
CA GLU A 109 -29.83 18.45 -21.27
C GLU A 109 -28.46 18.03 -21.84
N GLN A 110 -27.58 17.47 -21.02
CA GLN A 110 -26.22 17.13 -21.41
C GLN A 110 -26.13 15.74 -22.00
N TRP A 111 -25.32 15.59 -23.04
CA TRP A 111 -24.86 14.29 -23.50
C TRP A 111 -23.40 14.11 -23.07
N ASN A 112 -23.12 13.01 -22.37
CA ASN A 112 -21.77 12.70 -21.91
C ASN A 112 -21.39 11.31 -22.39
N GLU A 113 -20.13 11.13 -22.78
CA GLU A 113 -19.59 9.84 -23.18
C GLU A 113 -18.50 9.42 -22.20
N ALA A 114 -18.43 8.12 -21.87
CA ALA A 114 -17.57 7.70 -20.77
C ALA A 114 -17.18 6.23 -20.91
N VAL A 115 -15.96 5.92 -20.47
CA VAL A 115 -15.54 4.54 -20.25
C VAL A 115 -16.44 3.86 -19.22
N ASP A 116 -16.60 2.54 -19.36
CA ASP A 116 -17.30 1.75 -18.34
C ASP A 116 -16.57 1.84 -17.01
N PRO A 117 -17.21 2.32 -15.93
CA PRO A 117 -16.55 2.26 -14.61
C PRO A 117 -16.11 0.86 -14.22
N TYR A 118 -16.75 -0.19 -14.76
CA TYR A 118 -16.36 -1.57 -14.51
C TYR A 118 -15.45 -2.12 -15.60
N ALA A 119 -14.81 -1.25 -16.39
CA ALA A 119 -13.85 -1.68 -17.39
C ALA A 119 -12.80 -2.62 -16.78
N LYS A 120 -12.53 -3.71 -17.52
CA LYS A 120 -11.48 -4.66 -17.16
C LYS A 120 -10.32 -4.67 -18.14
N ALA A 121 -10.50 -4.07 -19.32
CA ALA A 121 -9.44 -3.85 -20.28
C ALA A 121 -9.75 -2.53 -20.98
N VAL A 122 -8.71 -1.81 -21.39
CA VAL A 122 -8.86 -0.50 -22.01
C VAL A 122 -7.82 -0.37 -23.12
N GLY A 123 -8.05 0.60 -24.00
CA GLY A 123 -7.04 0.98 -24.97
C GLY A 123 -5.96 1.84 -24.33
N VAL A 124 -5.04 2.31 -25.18
CA VAL A 124 -3.97 3.17 -24.69
C VAL A 124 -4.57 4.41 -24.02
N ASN A 125 -3.94 4.82 -22.91
CA ASN A 125 -4.37 5.96 -22.09
C ASN A 125 -5.80 5.82 -21.55
N GLY A 126 -6.41 4.65 -21.71
CA GLY A 126 -7.63 4.31 -20.99
C GLY A 126 -8.87 5.11 -21.31
N THR A 127 -9.02 5.60 -22.54
CA THR A 127 -10.16 6.44 -22.93
C THR A 127 -11.28 5.66 -23.60
N LYS A 128 -11.11 4.36 -23.84
CA LYS A 128 -12.16 3.50 -24.36
C LYS A 128 -12.09 2.17 -23.63
N THR A 129 -13.23 1.53 -23.45
CA THR A 129 -13.27 0.20 -22.89
C THR A 129 -12.96 -0.81 -23.98
N ALA A 130 -12.23 -1.86 -23.62
CA ALA A 130 -11.79 -2.88 -24.58
C ALA A 130 -12.48 -4.19 -24.25
N ILE A 131 -13.04 -4.85 -25.26
CA ILE A 131 -13.80 -6.07 -25.07
C ILE A 131 -12.89 -7.27 -25.28
N LEU A 132 -12.82 -8.13 -24.28
CA LEU A 132 -11.76 -9.13 -24.22
C LEU A 132 -12.25 -10.34 -23.43
N ASP A 133 -11.92 -11.53 -23.93
CA ASP A 133 -12.10 -12.77 -23.19
C ASP A 133 -10.92 -12.92 -22.22
N LEU A 134 -11.15 -12.57 -20.94
CA LEU A 134 -10.01 -12.40 -20.05
C LEU A 134 -9.36 -13.71 -19.65
N ARG A 135 -10.04 -14.85 -19.87
CA ARG A 135 -9.34 -16.12 -19.66
C ARG A 135 -8.21 -16.25 -20.68
N SER A 136 -8.32 -15.62 -21.85
CA SER A 136 -7.21 -15.67 -22.79
C SER A 136 -5.95 -14.96 -22.29
N THR A 137 -6.01 -14.23 -21.16
CA THR A 137 -4.87 -13.50 -20.60
C THR A 137 -4.19 -14.24 -19.46
N ASN A 138 -4.65 -15.42 -19.14
CA ASN A 138 -4.06 -16.15 -18.02
C ASN A 138 -2.77 -16.84 -18.45
N PRO A 139 -1.71 -16.77 -17.65
CA PRO A 139 -0.48 -17.47 -18.00
C PRO A 139 -0.63 -18.97 -17.78
N GLU A 140 0.27 -19.71 -18.41
CA GLU A 140 0.20 -21.16 -18.35
C GLU A 140 0.39 -21.63 -16.91
N GLY A 141 -0.55 -22.45 -16.44
CA GLY A 141 -0.52 -22.93 -15.06
C GLY A 141 -1.16 -22.04 -14.03
N TRP A 142 -1.82 -20.95 -14.46
CA TRP A 142 -2.36 -19.95 -13.55
C TRP A 142 -3.33 -20.58 -12.54
N GLU A 143 -4.09 -21.58 -12.98
CA GLU A 143 -5.03 -22.27 -12.09
C GLU A 143 -4.33 -22.99 -10.94
N ASN A 144 -3.06 -23.34 -11.10
CA ASN A 144 -2.31 -24.00 -10.04
C ASN A 144 -1.59 -23.03 -9.11
N ASP A 145 -1.67 -21.73 -9.38
CA ASP A 145 -0.97 -20.73 -8.58
C ASP A 145 -1.32 -20.87 -7.09
N GLN A 146 -0.30 -21.06 -6.25
CA GLN A 146 -0.46 -21.30 -4.82
C GLN A 146 0.23 -20.19 -4.03
N LYS A 147 -0.39 -19.79 -2.90
CA LYS A 147 0.15 -18.72 -2.07
C LYS A 147 1.14 -19.27 -1.05
N PRO A 148 2.27 -18.58 -0.84
CA PRO A 148 3.09 -18.91 0.31
C PRO A 148 2.30 -18.80 1.60
N PRO A 149 2.61 -19.64 2.58
CA PRO A 149 1.83 -19.64 3.83
C PRO A 149 2.05 -18.36 4.62
N LEU A 150 1.08 -18.05 5.50
CA LEU A 150 1.14 -16.83 6.31
C LEU A 150 0.26 -17.03 7.55
N ALA A 151 0.91 -17.29 8.69
CA ALA A 151 0.16 -17.70 9.88
C ALA A 151 -0.46 -16.52 10.63
N SER A 152 0.08 -15.31 10.48
CA SER A 152 -0.39 -14.15 11.22
C SER A 152 0.06 -12.91 10.47
N PRO A 153 -0.68 -11.80 10.58
CA PRO A 153 -0.17 -10.54 10.01
C PRO A 153 1.17 -10.11 10.60
N THR A 154 1.44 -10.46 11.87
CA THR A 154 2.72 -10.15 12.49
C THR A 154 3.88 -10.96 11.91
N ASP A 155 3.60 -11.99 11.13
CA ASP A 155 4.65 -12.75 10.44
C ASP A 155 5.02 -12.12 9.10
N ALA A 156 4.36 -11.05 8.68
CA ALA A 156 4.69 -10.47 7.40
C ALA A 156 5.90 -9.56 7.55
N VAL A 157 6.69 -9.47 6.47
CA VAL A 157 7.72 -8.44 6.35
C VAL A 157 7.50 -7.75 5.00
N ILE A 158 6.99 -6.52 5.04
CA ILE A 158 6.57 -5.80 3.85
C ILE A 158 7.72 -4.98 3.28
N TYR A 159 7.85 -5.01 1.95
CA TYR A 159 8.87 -4.28 1.17
C TYR A 159 8.15 -3.40 0.15
N GLU A 160 8.25 -2.07 0.31
CA GLU A 160 7.43 -1.14 -0.46
C GLU A 160 8.16 -0.72 -1.73
N LEU A 161 7.56 -1.00 -2.88
CA LEU A 161 8.30 -0.93 -4.14
C LEU A 161 7.45 -0.30 -5.25
N HIS A 162 8.11 0.53 -6.07
CA HIS A 162 7.52 1.09 -7.28
C HIS A 162 8.04 0.35 -8.50
N VAL A 163 7.12 -0.06 -9.39
CA VAL A 163 7.47 -0.89 -10.55
C VAL A 163 8.54 -0.22 -11.42
N ARG A 164 8.48 1.10 -11.56
CA ARG A 164 9.52 1.73 -12.39
C ARG A 164 10.84 1.84 -11.63
N ASP A 165 10.81 2.19 -10.34
CA ASP A 165 12.05 2.30 -9.55
C ASP A 165 12.88 1.04 -9.63
N LEU A 166 12.19 -0.11 -9.66
CA LEU A 166 12.84 -1.39 -9.46
C LEU A 166 13.94 -1.65 -10.48
N SER A 167 13.73 -1.26 -11.74
CA SER A 167 14.55 -1.74 -12.83
C SER A 167 15.11 -0.65 -13.75
N ILE A 168 14.68 0.60 -13.59
CA ILE A 168 14.97 1.61 -14.61
C ILE A 168 16.39 2.16 -14.55
N HIS A 169 17.09 1.99 -13.43
CA HIS A 169 18.50 2.34 -13.39
C HIS A 169 19.25 1.63 -14.51
N PRO A 170 20.16 2.31 -15.22
CA PRO A 170 20.77 1.70 -16.41
C PRO A 170 21.69 0.51 -16.13
N GLN A 171 22.12 0.29 -14.90
CA GLN A 171 22.97 -0.84 -14.57
CA GLN A 171 22.97 -0.86 -14.58
C GLN A 171 22.21 -1.95 -13.85
N SER A 172 20.87 -1.96 -13.95
CA SER A 172 20.06 -2.93 -13.22
C SER A 172 20.19 -4.35 -13.76
N GLY A 173 20.72 -4.51 -14.97
CA GLY A 173 20.82 -5.83 -15.55
C GLY A 173 19.51 -6.48 -15.93
N ILE A 174 18.41 -5.73 -15.89
CA ILE A 174 17.08 -6.23 -16.17
C ILE A 174 16.70 -5.79 -17.58
N ARG A 175 16.16 -6.70 -18.38
CA ARG A 175 15.90 -6.37 -19.79
C ARG A 175 14.68 -5.45 -19.93
N GLU A 176 13.56 -5.82 -19.33
CA GLU A 176 12.31 -5.08 -19.50
C GLU A 176 12.21 -4.00 -18.42
N LYS A 177 13.06 -2.99 -18.57
CA LYS A 177 13.20 -1.95 -17.55
C LYS A 177 11.91 -1.13 -17.40
N GLY A 178 11.48 -0.95 -16.15
CA GLY A 178 10.30 -0.16 -15.84
C GLY A 178 8.97 -0.88 -16.03
N LYS A 179 8.99 -2.18 -16.27
CA LYS A 179 7.81 -2.95 -16.66
C LYS A 179 7.49 -4.00 -15.59
N PHE A 180 6.23 -4.43 -15.57
CA PHE A 180 5.83 -5.57 -14.73
C PHE A 180 6.81 -6.72 -14.91
N LEU A 181 7.08 -7.10 -16.18
CA LEU A 181 7.92 -8.24 -16.51
C LEU A 181 9.37 -8.07 -16.05
N GLY A 182 9.81 -6.83 -15.83
CA GLY A 182 11.12 -6.62 -15.26
C GLY A 182 11.30 -7.30 -13.91
N LEU A 183 10.23 -7.41 -13.13
CA LEU A 183 10.30 -8.05 -11.83
C LEU A 183 10.10 -9.57 -11.91
N THR A 184 9.96 -10.14 -13.11
CA THR A 184 9.96 -11.59 -13.25
C THR A 184 11.31 -12.16 -13.64
N GLU A 185 12.24 -11.33 -14.12
CA GLU A 185 13.51 -11.81 -14.65
C GLU A 185 14.39 -12.33 -13.51
N GLU A 186 14.88 -13.56 -13.67
CA GLU A 186 15.72 -14.20 -12.68
C GLU A 186 17.17 -14.19 -13.12
N GLY A 187 18.07 -14.28 -12.12
CA GLY A 187 19.51 -14.24 -12.37
C GLY A 187 20.01 -12.96 -13.00
N THR A 188 19.39 -11.82 -12.70
CA THR A 188 19.84 -10.55 -13.24
C THR A 188 20.97 -9.98 -12.37
N ARG A 189 21.98 -9.41 -13.02
CA ARG A 189 23.21 -8.97 -12.34
C ARG A 189 23.41 -7.47 -12.51
N GLY A 190 23.99 -6.86 -11.49
CA GLY A 190 24.27 -5.44 -11.51
C GLY A 190 25.75 -5.18 -11.50
N PRO A 191 26.14 -3.98 -11.08
CA PRO A 191 27.56 -3.64 -11.04
C PRO A 191 28.32 -4.60 -10.13
N ASN A 192 29.48 -5.06 -10.62
CA ASN A 192 30.33 -6.05 -9.96
C ASN A 192 29.63 -7.39 -9.72
N GLY A 193 28.58 -7.69 -10.51
CA GLY A 193 27.94 -8.98 -10.45
C GLY A 193 26.94 -9.20 -9.32
N ILE A 194 26.62 -8.19 -8.53
CA ILE A 194 25.65 -8.39 -7.45
C ILE A 194 24.29 -8.80 -8.00
N PRO A 195 23.49 -9.53 -7.23
CA PRO A 195 22.11 -9.78 -7.66
C PRO A 195 21.30 -8.51 -7.64
N THR A 196 20.38 -8.37 -8.61
CA THR A 196 19.44 -7.27 -8.65
C THR A 196 18.03 -7.82 -8.77
N GLY A 197 17.05 -6.91 -8.74
CA GLY A 197 15.68 -7.27 -9.06
C GLY A 197 15.10 -8.31 -8.13
N LEU A 198 14.35 -9.25 -8.71
CA LEU A 198 13.65 -10.26 -7.92
C LEU A 198 14.62 -11.07 -7.05
N ASP A 199 15.80 -11.42 -7.59
CA ASP A 199 16.75 -12.21 -6.81
C ASP A 199 17.27 -11.43 -5.60
N HIS A 200 17.50 -10.13 -5.78
CA HIS A 200 17.84 -9.30 -4.64
C HIS A 200 16.74 -9.32 -3.58
N ILE A 201 15.48 -9.20 -4.02
CA ILE A 201 14.37 -9.09 -3.08
C ILE A 201 14.16 -10.41 -2.35
N THR A 202 14.08 -11.53 -3.08
CA THR A 202 13.94 -12.81 -2.38
C THR A 202 15.14 -13.06 -1.49
N GLY A 203 16.34 -12.66 -1.93
CA GLY A 203 17.51 -12.80 -1.08
C GLY A 203 17.38 -12.11 0.27
N LEU A 204 16.55 -11.08 0.36
CA LEU A 204 16.44 -10.31 1.61
C LEU A 204 15.70 -11.09 2.70
N GLY A 205 14.76 -11.95 2.32
CA GLY A 205 13.89 -12.59 3.28
C GLY A 205 12.61 -11.85 3.56
N VAL A 206 12.28 -10.81 2.78
CA VAL A 206 10.97 -10.18 2.93
C VAL A 206 9.88 -11.15 2.50
N THR A 207 8.65 -10.90 2.97
CA THR A 207 7.57 -11.82 2.65
C THR A 207 6.53 -11.25 1.70
N HIS A 208 6.37 -9.93 1.68
CA HIS A 208 5.34 -9.25 0.89
C HIS A 208 5.98 -8.11 0.13
N VAL A 209 5.69 -8.01 -1.16
CA VAL A 209 6.04 -6.84 -1.95
C VAL A 209 4.81 -5.95 -2.03
N GLN A 210 4.92 -4.71 -1.56
CA GLN A 210 3.80 -3.77 -1.63
C GLN A 210 4.09 -2.81 -2.76
N LEU A 211 3.26 -2.84 -3.79
CA LEU A 211 3.52 -2.11 -5.03
C LEU A 211 2.74 -0.82 -5.02
N LEU A 212 3.43 0.29 -5.27
CA LEU A 212 2.77 1.56 -5.50
C LEU A 212 1.80 1.40 -6.67
N PRO A 213 0.84 2.35 -6.82
CA PRO A 213 -0.30 2.16 -7.75
C PRO A 213 -0.06 1.43 -9.07
N ILE A 214 -0.64 0.25 -9.18
CA ILE A 214 -0.57 -0.52 -10.42
C ILE A 214 -1.89 -0.54 -11.19
N TYR A 215 -2.97 0.00 -10.60
CA TYR A 215 -4.19 0.33 -11.32
C TYR A 215 -3.85 1.41 -12.37
N ASP A 216 -4.80 1.66 -13.27
CA ASP A 216 -4.54 2.60 -14.36
C ASP A 216 -4.67 4.03 -13.85
N TYR A 217 -3.58 4.80 -13.86
CA TYR A 217 -3.63 6.18 -13.43
C TYR A 217 -3.60 7.14 -14.62
N SER A 218 -3.79 8.43 -14.35
CA SER A 218 -4.17 9.36 -15.41
C SER A 218 -3.04 9.61 -16.41
N GLN A 219 -3.44 9.92 -17.63
CA GLN A 219 -2.52 10.32 -18.69
C GLN A 219 -1.72 11.56 -18.30
N GLU A 220 -2.31 12.44 -17.47
CA GLU A 220 -1.58 13.61 -16.97
C GLU A 220 -0.33 13.21 -16.17
N SER A 221 -0.34 12.04 -15.54
CA SER A 221 0.80 11.60 -14.75
C SER A 221 1.86 10.95 -15.63
N VAL A 222 1.46 9.93 -16.40
CA VAL A 222 2.32 9.30 -17.40
C VAL A 222 1.49 9.10 -18.66
N ASP A 223 1.97 9.66 -19.77
CA ASP A 223 1.31 9.53 -21.06
C ASP A 223 1.75 8.22 -21.70
N GLU A 224 0.84 7.25 -21.80
CA GLU A 224 1.16 5.92 -22.33
C GLU A 224 1.53 5.93 -23.80
N SER A 225 1.31 7.03 -24.53
CA SER A 225 1.70 7.09 -25.93
C SER A 225 3.08 7.73 -26.15
N ARG A 226 3.73 8.25 -25.11
CA ARG A 226 5.03 8.91 -25.22
C ARG A 226 6.05 8.30 -24.26
N LEU A 227 6.09 6.98 -24.18
CA LEU A 227 7.05 6.28 -23.33
C LEU A 227 8.45 6.27 -23.91
N ASP A 228 8.64 6.84 -25.09
CA ASP A 228 9.96 7.08 -25.68
C ASP A 228 10.63 8.32 -25.10
N GLU A 229 9.90 9.12 -24.32
CA GLU A 229 10.32 10.35 -23.65
C GLU A 229 10.40 10.10 -22.15
N PRO A 230 11.19 10.90 -21.43
CA PRO A 230 11.28 10.71 -19.97
C PRO A 230 9.90 10.77 -19.32
N HIS A 231 9.71 9.95 -18.29
CA HIS A 231 8.45 9.91 -17.58
C HIS A 231 8.63 9.26 -16.21
N TYR A 232 7.80 9.67 -15.26
CA TYR A 232 7.76 9.08 -13.93
C TYR A 232 6.60 9.68 -13.15
N ASN A 233 5.87 8.83 -12.44
CA ASN A 233 4.89 9.29 -11.45
C ASN A 233 4.53 8.14 -10.52
N TRP A 234 4.37 8.45 -9.22
CA TRP A 234 3.91 7.43 -8.27
C TRP A 234 2.60 6.83 -8.72
N GLY A 235 1.71 7.65 -9.28
CA GLY A 235 0.45 7.17 -9.80
C GLY A 235 -0.76 7.30 -8.88
N TYR A 236 -0.74 8.23 -7.92
CA TYR A 236 -1.88 8.44 -7.01
C TYR A 236 -3.01 9.25 -7.65
N ASP A 237 -3.31 9.00 -8.93
CA ASP A 237 -4.27 9.78 -9.69
C ASP A 237 -5.14 8.81 -10.46
N PRO A 238 -6.12 8.19 -9.80
CA PRO A 238 -6.82 7.04 -10.39
C PRO A 238 -7.73 7.45 -11.54
N GLN A 239 -7.67 6.65 -12.62
CA GLN A 239 -8.58 6.79 -13.75
C GLN A 239 -9.44 5.55 -13.98
N ASN A 240 -8.86 4.36 -14.06
CA ASN A 240 -9.66 3.13 -14.22
C ASN A 240 -9.26 2.15 -13.13
N TYR A 241 -10.16 1.95 -12.16
CA TYR A 241 -9.80 1.25 -10.94
C TYR A 241 -9.57 -0.25 -11.11
N ASN A 242 -10.11 -0.87 -12.16
CA ASN A 242 -10.05 -2.32 -12.31
C ASN A 242 -9.18 -2.80 -13.47
N VAL A 243 -8.34 -1.93 -14.04
CA VAL A 243 -7.42 -2.28 -15.14
C VAL A 243 -5.99 -1.97 -14.72
N PRO A 244 -4.98 -2.76 -15.13
CA PRO A 244 -3.60 -2.40 -14.83
C PRO A 244 -3.16 -1.14 -15.56
N GLU A 245 -2.11 -0.51 -15.00
CA GLU A 245 -1.50 0.67 -15.61
C GLU A 245 -0.78 0.33 -16.90
N GLY A 246 -0.98 1.17 -17.93
CA GLY A 246 -0.49 0.84 -19.26
C GLY A 246 1.01 0.98 -19.41
N SER A 247 1.60 1.98 -18.76
CA SER A 247 3.02 2.24 -18.93
C SER A 247 3.90 1.11 -18.37
N TYR A 248 3.34 0.23 -17.55
CA TYR A 248 4.08 -0.88 -17.00
C TYR A 248 4.00 -2.15 -17.87
N SER A 249 3.31 -2.10 -19.01
CA SER A 249 3.33 -3.22 -19.96
C SER A 249 4.29 -2.97 -21.12
N THR A 250 4.61 -4.06 -21.83
CA THR A 250 5.49 -3.97 -23.00
C THR A 250 4.80 -3.29 -24.18
N ASP A 251 3.48 -3.24 -24.15
CA ASP A 251 2.69 -2.70 -25.27
C ASP A 251 1.39 -2.14 -24.69
N PRO A 252 1.37 -0.85 -24.34
CA PRO A 252 0.13 -0.26 -23.83
C PRO A 252 -1.00 -0.22 -24.85
N HIS A 253 -0.69 -0.40 -26.13
CA HIS A 253 -1.69 -0.41 -27.19
C HIS A 253 -2.41 -1.74 -27.32
N ASN A 254 -1.93 -2.79 -26.66
CA ASN A 254 -2.50 -4.12 -26.73
C ASN A 254 -3.24 -4.38 -25.43
N PRO A 255 -4.57 -4.44 -25.43
CA PRO A 255 -5.29 -4.48 -24.15
C PRO A 255 -4.94 -5.68 -23.29
N ALA A 256 -4.65 -6.83 -23.90
CA ALA A 256 -4.35 -8.03 -23.13
C ALA A 256 -2.98 -7.99 -22.49
N ALA A 257 -2.06 -7.16 -22.99
CA ALA A 257 -0.65 -7.28 -22.63
C ALA A 257 -0.40 -6.92 -21.17
N ARG A 258 -0.91 -5.76 -20.73
CA ARG A 258 -0.75 -5.35 -19.33
C ARG A 258 -1.38 -6.36 -18.38
N ILE A 259 -2.48 -7.00 -18.80
CA ILE A 259 -3.18 -7.96 -17.94
C ILE A 259 -2.39 -9.25 -17.81
N LEU A 260 -1.97 -9.82 -18.95
CA LEU A 260 -1.19 -11.06 -18.90
C LEU A 260 0.14 -10.85 -18.17
N GLU A 261 0.77 -9.70 -18.36
CA GLU A 261 2.08 -9.52 -17.74
C GLU A 261 1.98 -9.24 -16.24
N LEU A 262 0.96 -8.52 -15.78
CA LEU A 262 0.75 -8.41 -14.34
C LEU A 262 0.54 -9.78 -13.70
N LYS A 263 -0.28 -10.63 -14.36
CA LYS A 263 -0.48 -11.99 -13.86
C LYS A 263 0.82 -12.79 -13.86
N ARG A 264 1.65 -12.63 -14.91
CA ARG A 264 2.92 -13.33 -14.93
C ARG A 264 3.80 -12.85 -13.79
N LEU A 265 3.72 -11.55 -13.46
CA LEU A 265 4.46 -11.03 -12.32
C LEU A 265 3.98 -11.66 -11.01
N ILE A 266 2.69 -11.64 -10.76
CA ILE A 266 2.18 -12.17 -9.50
C ILE A 266 2.45 -13.69 -9.42
N GLN A 267 2.33 -14.39 -10.55
CA GLN A 267 2.58 -15.83 -10.55
C GLN A 267 4.02 -16.14 -10.15
N LYS A 268 4.98 -15.41 -10.74
CA LYS A 268 6.39 -15.62 -10.44
C LYS A 268 6.73 -15.26 -8.99
N LEU A 269 6.17 -14.15 -8.49
CA LEU A 269 6.43 -13.80 -7.10
C LEU A 269 5.91 -14.89 -6.18
N HIS A 270 4.73 -15.41 -6.46
CA HIS A 270 4.18 -16.52 -5.68
C HIS A 270 5.07 -17.74 -5.77
N ALA A 271 5.57 -18.06 -6.97
CA ALA A 271 6.46 -19.21 -7.11
C ALA A 271 7.70 -19.07 -6.24
N ARG A 272 8.19 -17.85 -6.03
CA ARG A 272 9.41 -17.63 -5.28
C ARG A 272 9.16 -17.33 -3.81
N GLY A 273 7.95 -17.58 -3.31
CA GLY A 273 7.68 -17.43 -1.90
C GLY A 273 7.23 -16.06 -1.45
N LEU A 274 6.93 -15.14 -2.36
CA LEU A 274 6.51 -13.78 -2.02
C LEU A 274 5.01 -13.60 -2.26
N ARG A 275 4.37 -12.82 -1.39
CA ARG A 275 3.00 -12.36 -1.58
C ARG A 275 3.00 -10.90 -2.02
N VAL A 276 1.89 -10.47 -2.62
CA VAL A 276 1.78 -9.14 -3.21
C VAL A 276 0.69 -8.34 -2.52
N ILE A 277 1.03 -7.12 -2.09
CA ILE A 277 0.10 -6.15 -1.56
C ILE A 277 -0.06 -5.02 -2.56
N MET A 278 -1.30 -4.64 -2.80
CA MET A 278 -1.65 -3.58 -3.74
C MET A 278 -1.93 -2.28 -2.98
N ASP A 279 -1.21 -1.23 -3.33
CA ASP A 279 -1.55 0.12 -2.90
C ASP A 279 -2.78 0.58 -3.68
N VAL A 280 -3.76 1.07 -2.97
CA VAL A 280 -5.09 1.25 -3.54
C VAL A 280 -5.68 2.57 -3.04
N VAL A 281 -6.29 3.34 -3.95
CA VAL A 281 -6.59 4.76 -3.72
C VAL A 281 -8.06 5.05 -4.00
N TYR A 282 -8.95 4.54 -3.14
CA TYR A 282 -10.39 4.70 -3.34
C TYR A 282 -10.92 5.98 -2.73
N ASN A 283 -10.04 6.81 -2.18
CA ASN A 283 -10.45 8.03 -1.52
C ASN A 283 -10.64 9.20 -2.49
N HIS A 284 -10.09 9.14 -3.70
CA HIS A 284 -10.27 10.24 -4.66
C HIS A 284 -10.05 9.74 -6.09
N VAL A 285 -10.50 10.52 -7.07
CA VAL A 285 -10.25 10.23 -8.48
C VAL A 285 -9.38 11.34 -9.07
N TYR A 286 -8.82 11.09 -10.25
CA TYR A 286 -7.81 12.01 -10.79
C TYR A 286 -8.39 13.39 -11.08
N ASP A 287 -9.64 13.44 -11.56
CA ASP A 287 -10.31 14.72 -11.82
C ASP A 287 -11.81 14.51 -11.65
N GLY A 288 -12.41 15.21 -10.68
CA GLY A 288 -13.81 14.97 -10.36
C GLY A 288 -14.79 15.38 -11.43
N TYR A 289 -14.42 16.31 -12.31
CA TYR A 289 -15.32 16.71 -13.39
C TYR A 289 -15.29 15.77 -14.59
N LEU A 290 -14.13 15.14 -14.87
CA LEU A 290 -13.95 14.39 -16.10
C LEU A 290 -14.07 12.89 -15.92
N ILE A 291 -14.02 12.38 -14.69
CA ILE A 291 -14.09 10.96 -14.43
C ILE A 291 -15.45 10.40 -14.91
N HIS A 292 -15.45 9.12 -15.31
CA HIS A 292 -16.67 8.46 -15.81
C HIS A 292 -17.81 8.54 -14.80
N PHE A 293 -17.51 8.39 -13.51
CA PHE A 293 -18.53 8.52 -12.46
C PHE A 293 -19.36 9.78 -12.66
N THR A 294 -18.68 10.91 -12.88
CA THR A 294 -19.39 12.19 -12.94
C THR A 294 -20.10 12.37 -14.27
N LYS A 295 -19.55 11.81 -15.36
CA LYS A 295 -20.25 11.89 -16.65
C LYS A 295 -21.53 11.04 -16.67
N LEU A 296 -21.54 9.94 -15.93
CA LEU A 296 -22.61 8.95 -16.02
C LEU A 296 -23.69 9.13 -14.97
N VAL A 297 -23.31 9.41 -13.73
CA VAL A 297 -24.28 9.73 -12.67
C VAL A 297 -23.79 10.95 -11.88
N PRO A 298 -23.86 12.14 -12.47
CA PRO A 298 -23.28 13.31 -11.80
C PRO A 298 -23.94 13.57 -10.44
N GLY A 299 -23.11 13.90 -9.45
CA GLY A 299 -23.56 14.16 -8.10
C GLY A 299 -23.59 12.97 -7.15
N TYR A 300 -23.39 11.73 -7.64
CA TYR A 300 -23.56 10.55 -6.78
C TYR A 300 -22.27 9.97 -6.22
N TYR A 301 -21.24 9.78 -7.05
CA TYR A 301 -20.10 8.97 -6.61
C TYR A 301 -19.08 9.76 -5.79
N LEU A 302 -19.11 11.10 -5.79
CA LEU A 302 -18.17 11.92 -5.03
C LEU A 302 -18.90 12.72 -3.96
N ARG A 303 -18.14 13.21 -2.98
CA ARG A 303 -18.73 13.88 -1.82
C ARG A 303 -18.90 15.37 -2.06
N TYR A 304 -20.05 15.90 -1.65
CA TYR A 304 -20.38 17.31 -1.80
C TYR A 304 -20.66 17.92 -0.43
N LYS A 305 -20.21 19.17 -0.25
CA LYS A 305 -20.63 19.96 0.90
C LYS A 305 -22.09 20.40 0.72
N ALA A 306 -22.61 21.13 1.73
CA ALA A 306 -24.00 21.56 1.68
C ALA A 306 -24.25 22.54 0.55
N ASP A 307 -23.26 23.37 0.18
CA ASP A 307 -23.39 24.34 -0.90
C ASP A 307 -23.08 23.76 -2.29
N ARG A 308 -23.02 22.42 -2.41
CA ARG A 308 -22.85 21.68 -3.66
CA ARG A 308 -22.86 21.67 -3.66
C ARG A 308 -21.46 21.81 -4.26
N THR A 309 -20.47 22.22 -3.48
CA THR A 309 -19.08 22.15 -3.92
C THR A 309 -18.46 20.84 -3.43
N PHE A 310 -17.44 20.36 -4.15
CA PHE A 310 -16.72 19.16 -3.72
C PHE A 310 -16.18 19.33 -2.31
N SER A 311 -16.39 18.30 -1.48
CA SER A 311 -15.56 18.12 -0.29
C SER A 311 -14.14 17.77 -0.71
N ASP A 312 -13.14 18.42 -0.11
CA ASP A 312 -11.75 18.30 -0.57
C ASP A 312 -10.82 18.00 0.61
N GLY A 313 -11.16 16.97 1.38
CA GLY A 313 -10.33 16.60 2.52
C GLY A 313 -9.02 15.97 2.12
N THR A 314 -8.99 15.35 0.94
CA THR A 314 -7.78 14.74 0.37
C THR A 314 -6.74 15.75 -0.10
N PHE A 315 -7.13 17.03 -0.29
CA PHE A 315 -6.32 18.00 -1.03
C PHE A 315 -6.01 17.56 -2.45
N CYS A 316 -6.79 16.63 -3.01
CA CYS A 316 -6.60 16.20 -4.38
C CYS A 316 -7.69 16.71 -5.32
N GLY A 317 -8.63 17.50 -4.78
CA GLY A 317 -9.73 18.05 -5.55
C GLY A 317 -11.08 17.44 -5.23
N ASN A 318 -11.12 16.17 -4.81
CA ASN A 318 -12.38 15.48 -4.60
C ASN A 318 -12.21 14.40 -3.55
N GLU A 319 -13.35 13.87 -3.08
CA GLU A 319 -13.42 12.69 -2.24
C GLU A 319 -14.45 11.73 -2.81
N CYS A 320 -14.13 10.44 -2.80
CA CYS A 320 -15.11 9.43 -3.18
C CYS A 320 -16.09 9.21 -2.03
N ALA A 321 -17.38 9.15 -2.39
CA ALA A 321 -18.47 9.01 -1.41
C ALA A 321 -18.68 7.54 -1.07
N SER A 322 -17.71 7.00 -0.31
CA SER A 322 -17.74 5.57 0.03
C SER A 322 -18.99 5.18 0.81
N GLU A 323 -19.59 6.11 1.56
CA GLU A 323 -20.72 5.76 2.43
C GLU A 323 -22.03 5.62 1.66
N ARG A 324 -22.09 6.01 0.39
CA ARG A 324 -23.32 5.84 -0.39
C ARG A 324 -23.34 4.44 -0.98
N PRO A 325 -24.49 3.72 -0.88
CA PRO A 325 -24.47 2.25 -1.09
C PRO A 325 -23.90 1.80 -2.42
N ILE A 326 -24.19 2.50 -3.52
CA ILE A 326 -23.72 2.03 -4.83
C ILE A 326 -22.22 2.25 -4.97
N MET A 327 -21.68 3.36 -4.42
CA MET A 327 -20.22 3.51 -4.36
C MET A 327 -19.58 2.46 -3.46
N ARG A 328 -20.17 2.21 -2.27
CA ARG A 328 -19.67 1.14 -1.41
C ARG A 328 -19.63 -0.18 -2.18
N LYS A 329 -20.73 -0.50 -2.87
CA LYS A 329 -20.74 -1.66 -3.76
C LYS A 329 -19.59 -1.60 -4.76
N TYR A 330 -19.39 -0.46 -5.42
CA TYR A 330 -18.32 -0.37 -6.42
C TYR A 330 -16.96 -0.68 -5.82
N ILE A 331 -16.69 -0.17 -4.62
CA ILE A 331 -15.36 -0.31 -4.04
C ILE A 331 -15.11 -1.77 -3.65
N ILE A 332 -16.12 -2.40 -3.06
CA ILE A 332 -16.00 -3.79 -2.64
C ILE A 332 -15.80 -4.71 -3.85
N GLU A 333 -16.61 -4.52 -4.90
CA GLU A 333 -16.45 -5.34 -6.09
C GLU A 333 -15.10 -5.10 -6.76
N SER A 334 -14.60 -3.85 -6.71
CA SER A 334 -13.26 -3.56 -7.18
C SER A 334 -12.23 -4.41 -6.44
N ILE A 335 -12.26 -4.35 -5.10
CA ILE A 335 -11.35 -5.15 -4.27
C ILE A 335 -11.44 -6.62 -4.67
N LEU A 336 -12.68 -7.15 -4.71
CA LEU A 336 -12.88 -8.57 -5.03
C LEU A 336 -12.38 -8.93 -6.42
N HIS A 337 -12.47 -8.01 -7.38
CA HIS A 337 -11.95 -8.30 -8.71
C HIS A 337 -10.43 -8.52 -8.68
N TRP A 338 -9.70 -7.63 -8.00
CA TRP A 338 -8.25 -7.82 -7.91
C TRP A 338 -7.89 -9.11 -7.18
N VAL A 339 -8.69 -9.53 -6.19
CA VAL A 339 -8.47 -10.81 -5.52
C VAL A 339 -8.70 -11.95 -6.50
N ARG A 340 -9.88 -11.98 -7.12
CA ARG A 340 -10.29 -13.12 -7.95
C ARG A 340 -9.47 -13.22 -9.22
N GLU A 341 -9.32 -12.12 -9.94
CA GLU A 341 -8.70 -12.10 -11.26
C GLU A 341 -7.18 -12.10 -11.19
N TYR A 342 -6.59 -11.36 -10.25
CA TYR A 342 -5.15 -11.19 -10.22
C TYR A 342 -4.48 -11.87 -9.02
N HIS A 343 -5.25 -12.48 -8.13
CA HIS A 343 -4.72 -13.28 -7.03
C HIS A 343 -3.94 -12.43 -6.04
N ILE A 344 -4.36 -11.19 -5.83
CA ILE A 344 -3.68 -10.26 -4.92
C ILE A 344 -3.84 -10.74 -3.47
N ASP A 345 -2.81 -10.53 -2.66
CA ASP A 345 -2.73 -11.05 -1.30
C ASP A 345 -2.92 -9.98 -0.23
N GLY A 346 -3.25 -8.74 -0.60
CA GLY A 346 -3.39 -7.66 0.37
C GLY A 346 -3.63 -6.30 -0.23
N PHE A 347 -4.11 -5.37 0.58
CA PHE A 347 -4.42 -4.02 0.14
C PHE A 347 -3.94 -3.03 1.19
N ARG A 348 -3.39 -1.90 0.72
CA ARG A 348 -2.92 -0.79 1.54
C ARG A 348 -3.74 0.42 1.14
N PHE A 349 -4.60 0.90 2.03
CA PHE A 349 -5.58 1.90 1.67
C PHE A 349 -5.00 3.27 1.92
N ASP A 350 -4.67 3.96 0.83
CA ASP A 350 -4.33 5.38 0.86
C ASP A 350 -5.46 6.18 1.52
N LEU A 351 -5.08 7.16 2.34
CA LEU A 351 -5.98 7.99 3.14
C LEU A 351 -7.24 7.26 3.58
N MET A 352 -7.07 6.18 4.36
CA MET A 352 -8.20 5.38 4.81
C MET A 352 -9.15 6.16 5.71
N GLY A 353 -8.67 7.21 6.38
CA GLY A 353 -9.54 8.12 7.12
C GLY A 353 -10.62 8.79 6.28
N MET A 354 -10.51 8.74 4.95
CA MET A 354 -11.56 9.25 4.07
C MET A 354 -12.63 8.23 3.76
N ILE A 355 -12.44 6.99 4.15
CA ILE A 355 -13.42 5.93 3.89
C ILE A 355 -14.19 5.70 5.17
N ASP A 356 -15.46 5.32 5.04
CA ASP A 356 -16.28 5.15 6.24
C ASP A 356 -16.06 3.79 6.86
N ILE A 357 -16.33 3.71 8.17
CA ILE A 357 -16.09 2.49 8.95
C ILE A 357 -16.90 1.32 8.39
N GLU A 358 -18.17 1.55 8.04
CA GLU A 358 -19.01 0.48 7.49
C GLU A 358 -18.37 -0.15 6.26
N THR A 359 -17.91 0.68 5.32
CA THR A 359 -17.26 0.16 4.12
C THR A 359 -16.05 -0.68 4.48
N MET A 360 -15.15 -0.15 5.31
CA MET A 360 -13.92 -0.88 5.65
C MET A 360 -14.23 -2.21 6.34
N ASN A 361 -15.15 -2.21 7.30
CA ASN A 361 -15.50 -3.46 7.98
C ASN A 361 -16.11 -4.45 6.99
N GLU A 362 -16.91 -3.96 6.05
CA GLU A 362 -17.52 -4.86 5.06
C GLU A 362 -16.45 -5.41 4.12
N ILE A 363 -15.45 -4.60 3.76
CA ILE A 363 -14.33 -5.13 2.99
C ILE A 363 -13.63 -6.23 3.78
N ARG A 364 -13.37 -6.00 5.06
CA ARG A 364 -12.67 -7.01 5.87
C ARG A 364 -13.48 -8.31 5.94
N ARG A 365 -14.81 -8.18 6.10
CA ARG A 365 -15.67 -9.36 6.18
C ARG A 365 -15.66 -10.14 4.86
N ARG A 366 -15.84 -9.45 3.73
CA ARG A 366 -15.88 -10.15 2.45
C ARG A 366 -14.56 -10.85 2.16
N LEU A 367 -13.42 -10.21 2.47
CA LEU A 367 -12.14 -10.87 2.25
C LEU A 367 -11.97 -12.07 3.18
N ASP A 368 -12.48 -11.98 4.40
CA ASP A 368 -12.35 -13.09 5.34
C ASP A 368 -13.08 -14.35 4.86
N GLU A 369 -14.15 -14.19 4.08
CA GLU A 369 -14.85 -15.36 3.58
C GLU A 369 -14.05 -16.07 2.50
N ILE A 370 -13.15 -15.35 1.84
CA ILE A 370 -12.28 -15.91 0.82
C ILE A 370 -11.00 -16.48 1.44
N ASP A 371 -10.31 -15.65 2.21
CA ASP A 371 -9.00 -16.01 2.77
C ASP A 371 -8.59 -14.98 3.82
N PRO A 372 -8.71 -15.31 5.11
CA PRO A 372 -8.38 -14.33 6.14
C PRO A 372 -6.93 -13.89 6.15
N THR A 373 -6.02 -14.61 5.48
CA THR A 373 -4.64 -14.16 5.49
C THR A 373 -4.38 -13.01 4.52
N ILE A 374 -5.39 -12.60 3.73
CA ILE A 374 -5.24 -11.39 2.94
C ILE A 374 -5.14 -10.20 3.88
N LEU A 375 -4.09 -9.37 3.70
CA LEU A 375 -3.87 -8.24 4.58
C LEU A 375 -4.76 -7.06 4.22
N THR A 376 -5.09 -6.25 5.22
CA THR A 376 -5.75 -4.93 5.05
C THR A 376 -5.04 -3.97 6.00
N ILE A 377 -4.28 -3.03 5.43
CA ILE A 377 -3.61 -1.99 6.20
C ILE A 377 -3.96 -0.66 5.54
N GLY A 378 -3.66 0.44 6.22
CA GLY A 378 -4.09 1.72 5.71
C GLY A 378 -3.48 2.90 6.46
N GLU A 379 -3.58 4.06 5.82
CA GLU A 379 -3.23 5.35 6.42
C GLU A 379 -4.46 5.86 7.17
N GLY A 380 -4.56 5.59 8.47
CA GLY A 380 -5.68 6.08 9.24
C GLY A 380 -5.43 7.44 9.89
N TRP A 381 -5.04 8.44 9.10
CA TRP A 381 -4.83 9.77 9.66
C TRP A 381 -6.17 10.43 9.97
N MET A 382 -6.18 11.26 11.01
CA MET A 382 -7.34 12.08 11.35
C MET A 382 -7.36 13.34 10.46
N MET A 383 -8.32 13.41 9.55
CA MET A 383 -8.38 14.51 8.59
C MET A 383 -9.82 14.96 8.40
N GLU A 384 -10.02 16.26 8.21
CA GLU A 384 -11.35 16.83 8.09
C GLU A 384 -11.99 16.46 6.75
N THR A 385 -13.31 16.29 6.77
CA THR A 385 -14.12 15.98 5.59
C THR A 385 -15.58 16.16 5.98
N VAL A 386 -16.46 16.20 4.97
CA VAL A 386 -17.90 16.20 5.25
C VAL A 386 -18.37 14.88 5.85
N LEU A 387 -17.60 13.80 5.73
CA LEU A 387 -17.95 12.57 6.44
C LEU A 387 -17.85 12.82 7.94
N PRO A 388 -18.93 12.63 8.71
CA PRO A 388 -18.88 12.91 10.15
C PRO A 388 -17.76 12.16 10.85
N LYS A 389 -17.23 12.78 11.91
CA LYS A 389 -16.03 12.30 12.58
C LYS A 389 -16.18 10.85 13.08
N GLU A 390 -17.33 10.50 13.67
CA GLU A 390 -17.47 9.15 14.20
C GLU A 390 -17.56 8.06 13.13
N LEU A 391 -17.59 8.41 11.84
CA LEU A 391 -17.67 7.41 10.76
C LEU A 391 -16.35 7.23 10.02
N ARG A 392 -15.33 8.01 10.34
CA ARG A 392 -14.08 7.96 9.60
C ARG A 392 -13.24 6.77 10.05
N ALA A 393 -12.65 6.07 9.08
CA ALA A 393 -11.86 4.88 9.39
C ALA A 393 -10.40 5.25 9.70
N ASN A 394 -10.21 5.87 10.87
CA ASN A 394 -8.90 6.34 11.29
C ASN A 394 -8.45 5.81 12.66
N GLN A 395 -7.34 6.35 13.17
CA GLN A 395 -6.78 5.83 14.42
C GLN A 395 -7.71 6.07 15.62
N ASP A 396 -8.40 7.22 15.67
CA ASP A 396 -9.34 7.49 16.76
C ASP A 396 -10.45 6.45 16.84
N ASN A 397 -10.79 5.83 15.72
CA ASN A 397 -11.84 4.81 15.70
C ASN A 397 -11.29 3.42 15.47
N ALA A 398 -10.00 3.21 15.79
CA ALA A 398 -9.39 1.90 15.57
C ALA A 398 -10.17 0.79 16.25
N GLU A 399 -10.80 1.07 17.39
CA GLU A 399 -11.46 0.02 18.14
C GLU A 399 -12.74 -0.46 17.47
N LYS A 400 -13.20 0.21 16.43
CA LYS A 400 -14.32 -0.26 15.62
C LYS A 400 -13.88 -0.92 14.32
N LEU A 401 -12.57 -1.07 14.10
CA LEU A 401 -12.03 -1.64 12.88
C LEU A 401 -11.18 -2.86 13.20
N PRO A 402 -11.78 -3.91 13.74
CA PRO A 402 -10.97 -5.11 14.09
C PRO A 402 -10.29 -5.67 12.85
N GLY A 403 -9.00 -5.97 12.99
CA GLY A 403 -8.29 -6.66 11.95
C GLY A 403 -7.62 -5.78 10.94
N ILE A 404 -7.76 -4.46 11.03
CA ILE A 404 -7.23 -3.55 10.03
C ILE A 404 -6.02 -2.84 10.62
N GLY A 405 -4.90 -2.89 9.91
CA GLY A 405 -3.67 -2.29 10.37
C GLY A 405 -3.57 -0.85 9.92
N MET A 406 -2.89 -0.03 10.74
CA MET A 406 -2.65 1.37 10.43
C MET A 406 -1.20 1.72 10.70
N PHE A 407 -0.62 2.54 9.81
CA PHE A 407 0.74 2.98 10.00
C PHE A 407 0.86 3.77 11.31
N ASN A 408 1.84 3.39 12.13
CA ASN A 408 2.06 3.97 13.45
C ASN A 408 3.04 5.14 13.28
N ASP A 409 2.49 6.34 13.12
CA ASP A 409 3.31 7.53 12.91
C ASP A 409 3.97 8.02 14.21
N GLY A 410 3.31 7.81 15.36
CA GLY A 410 3.97 8.11 16.62
C GLY A 410 5.30 7.39 16.76
N MET A 411 5.32 6.10 16.41
CA MET A 411 6.54 5.31 16.41
C MET A 411 7.57 5.90 15.45
N ARG A 412 7.14 6.18 14.22
CA ARG A 412 8.01 6.74 13.18
C ARG A 412 8.71 8.01 13.66
N ASP A 413 7.95 8.96 14.20
CA ASP A 413 8.56 10.23 14.61
C ASP A 413 9.45 10.05 15.84
N ALA A 414 9.02 9.24 16.83
CA ALA A 414 9.83 9.00 18.02
C ALA A 414 11.19 8.41 17.66
N VAL A 415 11.23 7.51 16.69
CA VAL A 415 12.48 6.83 16.32
C VAL A 415 13.42 7.78 15.57
N LYS A 416 12.95 8.38 14.49
CA LYS A 416 13.82 9.12 13.59
C LYS A 416 13.67 10.63 13.67
N GLY A 417 12.73 11.14 14.46
CA GLY A 417 12.51 12.57 14.55
C GLY A 417 11.37 13.03 13.66
N ASP A 418 10.97 14.28 13.85
CA ASP A 418 9.76 14.80 13.20
C ASP A 418 9.96 14.89 11.69
N ILE A 419 8.98 14.39 10.93
CA ILE A 419 9.11 14.39 9.47
C ILE A 419 8.77 15.74 8.84
N PHE A 420 8.19 16.67 9.59
CA PHE A 420 7.87 17.98 9.03
C PHE A 420 8.84 19.07 9.43
N ILE A 421 9.53 18.94 10.56
CA ILE A 421 10.61 19.84 10.95
C ILE A 421 11.90 19.06 10.76
N PHE A 422 12.55 19.28 9.61
CA PHE A 422 13.59 18.38 9.12
C PHE A 422 14.76 18.27 10.07
N ASP A 423 15.11 19.35 10.75
CA ASP A 423 16.32 19.37 11.56
C ASP A 423 16.16 18.73 12.92
N ARG A 424 14.94 18.39 13.34
CA ARG A 424 14.74 17.93 14.72
C ARG A 424 15.13 16.46 14.88
N LYS A 425 15.84 16.19 15.96
CA LYS A 425 16.32 14.85 16.23
C LYS A 425 15.19 14.00 16.81
N GLY A 426 15.40 12.68 16.78
CA GLY A 426 14.52 11.74 17.43
C GLY A 426 15.38 10.82 18.27
N PHE A 427 14.87 9.63 18.61
CA PHE A 427 15.60 8.74 19.51
C PHE A 427 16.97 8.36 18.94
N ILE A 428 17.02 7.92 17.67
CA ILE A 428 18.27 7.36 17.13
C ILE A 428 19.37 8.41 17.06
N SER A 429 19.02 9.68 16.91
CA SER A 429 19.99 10.73 16.64
C SER A 429 20.31 11.58 17.87
N GLY A 430 19.91 11.13 19.07
CA GLY A 430 20.30 11.79 20.29
C GLY A 430 19.35 12.85 20.83
N GLY A 431 18.09 12.89 20.40
CA GLY A 431 17.13 13.79 21.00
C GLY A 431 16.72 13.35 22.41
N ASP A 432 16.18 14.29 23.19
CA ASP A 432 15.76 14.06 24.56
C ASP A 432 14.26 13.78 24.63
N GLY A 433 13.89 12.78 25.43
CA GLY A 433 12.49 12.53 25.75
C GLY A 433 11.70 11.66 24.78
N PHE A 434 12.37 10.93 23.89
CA PHE A 434 11.71 10.05 22.93
C PHE A 434 11.64 8.58 23.36
N GLU A 435 12.13 8.26 24.56
CA GLU A 435 12.17 6.87 24.98
C GLU A 435 10.77 6.29 25.13
N ASP A 436 9.85 7.06 25.73
CA ASP A 436 8.49 6.55 25.90
C ASP A 436 7.80 6.39 24.55
N GLY A 437 8.09 7.29 23.60
CA GLY A 437 7.53 7.13 22.28
C GLY A 437 7.97 5.81 21.66
N VAL A 438 9.25 5.50 21.75
CA VAL A 438 9.75 4.23 21.22
C VAL A 438 9.11 3.06 21.95
N LYS A 439 8.99 3.16 23.28
CA LYS A 439 8.41 2.07 24.06
C LYS A 439 6.99 1.77 23.61
N ARG A 440 6.20 2.82 23.31
CA ARG A 440 4.81 2.61 22.86
C ARG A 440 4.77 1.82 21.55
N GLY A 441 5.73 2.06 20.66
CA GLY A 441 5.78 1.26 19.44
C GLY A 441 6.32 -0.16 19.65
N VAL A 442 7.27 -0.34 20.57
CA VAL A 442 7.74 -1.68 20.88
C VAL A 442 6.58 -2.56 21.31
N ALA A 443 5.67 -2.03 22.14
CA ALA A 443 4.48 -2.74 22.56
C ALA A 443 3.43 -2.88 21.45
N GLY A 444 3.68 -2.56 20.19
CA GLY A 444 2.66 -2.76 19.17
C GLY A 444 1.53 -1.77 19.20
N GLY A 445 1.75 -0.59 19.80
CA GLY A 445 0.74 0.44 19.87
C GLY A 445 -0.44 0.18 20.79
N ILE A 446 -0.41 -0.90 21.59
CA ILE A 446 -1.59 -1.28 22.37
C ILE A 446 -1.72 -0.43 23.64
N ASN A 447 -2.82 -0.61 24.37
CA ASN A 447 -2.92 -0.03 25.70
C ASN A 447 -2.15 -0.97 26.62
N TYR A 448 -0.84 -0.71 26.72
CA TYR A 448 0.04 -1.60 27.48
C TYR A 448 -0.09 -1.33 28.98
N GLY A 449 -0.04 -0.06 29.38
CA GLY A 449 -0.10 0.29 30.78
C GLY A 449 0.41 1.69 31.01
N GLY A 450 -0.13 2.37 32.02
CA GLY A 450 0.33 3.71 32.36
C GLY A 450 0.19 4.63 31.16
N GLN A 451 1.24 5.43 30.93
CA GLN A 451 1.30 6.30 29.76
C GLN A 451 1.65 5.57 28.47
N LEU A 452 1.90 4.25 28.53
CA LEU A 452 2.32 3.47 27.37
C LEU A 452 1.08 2.89 26.70
N ARG A 453 0.49 3.67 25.81
CA ARG A 453 -0.71 3.29 25.07
C ARG A 453 -0.78 4.14 23.80
N GLN A 454 -1.26 3.53 22.72
CA GLN A 454 -1.69 4.30 21.56
C GLN A 454 -3.05 3.81 21.11
N PHE A 455 -3.27 3.79 19.80
CA PHE A 455 -4.59 3.58 19.25
C PHE A 455 -4.99 2.13 19.10
N ALA A 456 -4.06 1.19 19.23
CA ALA A 456 -4.34 -0.17 18.78
C ALA A 456 -5.01 -0.98 19.89
N VAL A 457 -5.98 -1.80 19.51
CA VAL A 457 -6.52 -2.78 20.45
C VAL A 457 -5.69 -4.05 20.43
N GLU A 458 -5.28 -4.49 19.23
CA GLU A 458 -4.46 -5.67 19.05
C GLU A 458 -3.23 -5.32 18.23
N PRO A 459 -2.13 -6.06 18.39
CA PRO A 459 -0.90 -5.68 17.68
C PRO A 459 -1.00 -5.81 16.17
N VAL A 460 -1.97 -6.56 15.64
CA VAL A 460 -2.14 -6.66 14.18
C VAL A 460 -2.65 -5.34 13.60
N GLN A 461 -2.91 -4.35 14.45
CA GLN A 461 -3.43 -3.07 14.00
C GLN A 461 -2.35 -2.01 13.83
N SER A 462 -1.07 -2.37 14.04
CA SER A 462 0.04 -1.42 14.06
C SER A 462 1.11 -1.80 13.04
N VAL A 463 1.35 -0.93 12.05
CA VAL A 463 2.41 -1.13 11.06
C VAL A 463 3.58 -0.20 11.42
N ASN A 464 4.72 -0.80 11.74
CA ASN A 464 5.92 -0.04 12.12
C ASN A 464 6.80 0.24 10.92
N TYR A 465 7.34 1.46 10.87
CA TYR A 465 8.13 1.90 9.71
C TYR A 465 8.90 3.16 10.05
N VAL A 466 10.03 3.36 9.37
CA VAL A 466 10.87 4.53 9.53
C VAL A 466 11.22 5.10 8.16
N GLU A 467 10.59 4.55 7.12
CA GLU A 467 10.76 5.08 5.77
C GLU A 467 9.62 4.55 4.88
N CYS A 468 9.12 5.40 4.00
CA CYS A 468 8.28 4.92 2.92
C CYS A 468 8.53 5.82 1.72
N HIS A 469 7.75 5.63 0.65
CA HIS A 469 7.93 6.45 -0.54
C HIS A 469 7.76 7.95 -0.23
N ALA A 470 6.90 8.30 0.72
CA ALA A 470 6.62 9.71 1.00
C ALA A 470 7.61 10.29 2.01
N ASN A 471 7.77 11.62 1.96
CA ASN A 471 8.71 12.36 2.82
C ASN A 471 10.16 11.91 2.59
N HIS A 472 11.10 12.49 3.34
CA HIS A 472 12.50 12.13 3.17
C HIS A 472 12.72 10.65 3.47
N THR A 473 13.72 10.06 2.81
CA THR A 473 14.14 8.73 3.20
C THR A 473 14.74 8.79 4.60
N LEU A 474 14.93 7.61 5.20
CA LEU A 474 15.49 7.58 6.54
C LEU A 474 16.89 8.18 6.54
N TRP A 475 17.71 7.84 5.54
CA TRP A 475 19.06 8.38 5.44
C TRP A 475 19.03 9.90 5.25
N ASP A 476 18.12 10.39 4.42
CA ASP A 476 18.06 11.82 4.15
C ASP A 476 17.55 12.61 5.34
N LYS A 477 16.62 12.05 6.13
CA LYS A 477 16.18 12.69 7.37
C LYS A 477 17.30 12.74 8.41
N ILE A 478 18.08 11.67 8.50
CA ILE A 478 19.19 11.63 9.46
C ILE A 478 20.21 12.71 9.14
N GLU A 479 20.52 12.89 7.85
CA GLU A 479 21.49 13.90 7.47
C GLU A 479 21.02 15.30 7.82
N LEU A 480 19.73 15.58 7.61
CA LEU A 480 19.22 16.90 7.92
C LEU A 480 19.13 17.17 9.42
N SER A 481 19.25 16.16 10.27
CA SER A 481 19.07 16.38 11.70
C SER A 481 20.32 16.06 12.51
N THR A 482 21.45 15.79 11.84
CA THR A 482 22.69 15.46 12.55
C THR A 482 23.85 16.24 11.92
N PRO A 483 23.82 17.58 12.00
CA PRO A 483 24.86 18.38 11.31
C PRO A 483 26.28 18.11 11.79
N GLY A 484 26.48 17.71 13.05
CA GLY A 484 27.85 17.42 13.49
C GLY A 484 28.43 16.10 12.99
N ALA A 485 27.58 15.13 12.62
CA ALA A 485 27.94 13.72 12.62
C ALA A 485 28.70 13.27 11.36
N SER A 486 29.48 12.20 11.51
CA SER A 486 30.18 11.55 10.41
C SER A 486 29.26 10.56 9.70
N ASP A 487 29.67 10.18 8.49
CA ASP A 487 28.91 9.17 7.75
C ASP A 487 28.88 7.85 8.51
N GLU A 488 29.99 7.50 9.16
CA GLU A 488 30.01 6.33 10.04
C GLU A 488 28.93 6.43 11.11
N GLU A 489 28.91 7.55 11.85
CA GLU A 489 27.92 7.72 12.90
C GLU A 489 26.51 7.71 12.35
N ARG A 490 26.30 8.23 11.14
CA ARG A 490 24.96 8.25 10.56
C ARG A 490 24.50 6.84 10.18
N ARG A 491 25.41 6.04 9.59
CA ARG A 491 25.04 4.68 9.24
CA ARG A 491 25.08 4.66 9.24
C ARG A 491 24.63 3.88 10.47
N ALA A 492 25.29 4.12 11.61
CA ALA A 492 24.93 3.43 12.83
C ALA A 492 23.53 3.84 13.30
N MET A 493 23.18 5.13 13.15
CA MET A 493 21.82 5.56 13.52
C MET A 493 20.79 4.96 12.58
N HIS A 494 21.13 4.90 11.29
CA HIS A 494 20.26 4.29 10.29
C HIS A 494 20.01 2.83 10.65
N ARG A 495 21.08 2.09 10.96
CA ARG A 495 20.95 0.67 11.27
C ARG A 495 20.11 0.47 12.54
N LEU A 496 20.32 1.33 13.55
CA LEU A 496 19.53 1.22 14.78
C LEU A 496 18.05 1.34 14.48
N ALA A 497 17.67 2.26 13.60
CA ALA A 497 16.26 2.51 13.29
C ALA A 497 15.64 1.31 12.59
N SER A 498 16.37 0.70 11.64
CA SER A 498 15.87 -0.51 11.01
C SER A 498 15.68 -1.61 12.04
N ALA A 499 16.60 -1.70 13.01
CA ALA A 499 16.54 -2.75 14.02
C ALA A 499 15.34 -2.58 14.93
N ILE A 500 14.98 -1.33 15.23
CA ILE A 500 13.81 -1.07 16.08
C ILE A 500 12.53 -1.54 15.38
N VAL A 501 12.42 -1.29 14.06
CA VAL A 501 11.27 -1.73 13.30
C VAL A 501 11.15 -3.25 13.36
N LEU A 502 12.26 -3.96 13.14
CA LEU A 502 12.21 -5.41 13.01
C LEU A 502 12.15 -6.14 14.36
N THR A 503 12.32 -5.46 15.50
CA THR A 503 12.16 -6.10 16.80
C THR A 503 11.01 -5.53 17.62
N SER A 504 10.10 -4.75 17.02
CA SER A 504 8.91 -4.29 17.69
C SER A 504 7.71 -5.19 17.38
N GLN A 505 6.81 -5.34 18.35
CA GLN A 505 5.56 -6.03 18.09
C GLN A 505 4.77 -5.32 16.99
N GLY A 506 3.91 -6.08 16.31
CA GLY A 506 3.18 -5.53 15.19
C GLY A 506 3.67 -6.03 13.84
N ILE A 507 3.61 -5.19 12.83
CA ILE A 507 3.92 -5.59 11.46
C ILE A 507 5.06 -4.74 10.89
N PRO A 508 6.24 -5.31 10.62
CA PRO A 508 7.34 -4.48 10.13
C PRO A 508 7.17 -4.15 8.66
N PHE A 509 7.53 -2.93 8.32
CA PHE A 509 7.38 -2.39 6.97
C PHE A 509 8.70 -1.72 6.59
N LEU A 510 9.26 -2.11 5.45
CA LEU A 510 10.51 -1.57 4.94
C LEU A 510 10.29 -0.93 3.56
N HIS A 511 10.95 0.20 3.34
CA HIS A 511 11.00 0.85 2.04
C HIS A 511 12.06 0.19 1.15
N ALA A 512 11.74 -0.02 -0.11
CA ALA A 512 12.75 -0.57 -1.02
C ALA A 512 13.97 0.34 -1.08
N GLY A 513 15.14 -0.25 -0.86
CA GLY A 513 16.40 0.46 -0.83
C GLY A 513 16.86 0.89 0.55
N GLN A 514 15.96 0.91 1.54
CA GLN A 514 16.36 1.17 2.92
C GLN A 514 17.53 0.27 3.33
N GLU A 515 17.58 -0.95 2.78
CA GLU A 515 18.66 -1.89 3.05
C GLU A 515 20.01 -1.38 2.56
N PHE A 516 20.07 -0.49 1.58
CA PHE A 516 21.35 0.14 1.24
C PHE A 516 21.29 1.66 1.44
N MET A 517 20.54 2.10 2.44
CA MET A 517 20.53 3.51 2.86
CA MET A 517 20.51 3.51 2.88
C MET A 517 20.10 4.44 1.74
N ARG A 518 19.08 4.03 0.98
CA ARG A 518 18.55 4.78 -0.14
C ARG A 518 18.48 6.27 0.15
N THR A 519 18.93 7.08 -0.81
CA THR A 519 18.85 8.53 -0.70
C THR A 519 18.12 9.09 -1.92
N LYS A 520 17.48 10.25 -1.73
CA LYS A 520 16.89 10.98 -2.84
C LYS A 520 17.56 12.34 -3.03
N GLY A 521 18.82 12.47 -2.63
CA GLY A 521 19.50 13.74 -2.68
C GLY A 521 18.82 14.82 -1.88
N GLY A 522 18.06 14.46 -0.85
CA GLY A 522 17.39 15.43 -0.01
C GLY A 522 16.00 15.84 -0.47
N VAL A 523 15.51 15.33 -1.61
CA VAL A 523 14.17 15.63 -2.08
C VAL A 523 13.14 15.03 -1.14
N GLU A 524 12.22 15.88 -0.67
CA GLU A 524 11.24 15.49 0.35
C GLU A 524 10.03 14.78 -0.23
N ASN A 525 9.56 15.19 -1.41
CA ASN A 525 8.31 14.65 -1.96
C ASN A 525 8.55 14.38 -3.44
N SER A 526 8.92 13.15 -3.78
CA SER A 526 9.50 12.87 -5.10
C SER A 526 8.48 12.32 -6.11
N TYR A 527 7.18 12.61 -5.93
CA TYR A 527 6.11 11.91 -6.64
C TYR A 527 6.19 12.05 -8.15
N LYS A 528 6.76 13.15 -8.66
CA LYS A 528 6.95 13.28 -10.10
C LYS A 528 8.39 13.64 -10.47
N SER A 529 9.33 13.52 -9.53
CA SER A 529 10.75 13.75 -9.83
C SER A 529 11.24 12.72 -10.86
N PRO A 530 12.32 13.01 -11.57
CA PRO A 530 12.77 12.10 -12.62
C PRO A 530 13.37 10.82 -12.04
N ILE A 531 13.60 9.86 -12.94
CA ILE A 531 14.12 8.55 -12.57
C ILE A 531 15.47 8.69 -11.86
N GLU A 532 16.26 9.72 -12.18
CA GLU A 532 17.53 9.92 -11.50
C GLU A 532 17.33 10.15 -10.00
N VAL A 533 16.20 10.76 -9.62
CA VAL A 533 15.89 10.91 -8.21
C VAL A 533 15.34 9.62 -7.63
N ASN A 534 14.54 8.89 -8.40
CA ASN A 534 13.65 7.88 -7.86
C ASN A 534 14.08 6.44 -8.08
N TRP A 535 15.06 6.17 -8.94
CA TRP A 535 15.37 4.77 -9.24
C TRP A 535 16.02 4.06 -8.04
N LEU A 536 15.82 2.74 -7.99
CA LEU A 536 16.66 1.92 -7.14
C LEU A 536 18.07 1.93 -7.73
N ASP A 537 19.00 2.52 -6.99
CA ASP A 537 20.37 2.73 -7.47
C ASP A 537 21.17 1.48 -7.14
N TRP A 538 21.29 0.57 -8.13
CA TRP A 538 22.02 -0.69 -7.96
C TRP A 538 23.52 -0.49 -7.83
N GLU A 539 24.05 0.68 -8.21
CA GLU A 539 25.43 1.05 -7.94
C GLU A 539 25.64 1.28 -6.45
N ARG A 540 24.78 2.10 -5.84
CA ARG A 540 24.82 2.26 -4.38
C ARG A 540 24.64 0.93 -3.69
N CYS A 541 23.74 0.10 -4.21
CA CYS A 541 23.54 -1.23 -3.63
C CYS A 541 24.84 -2.02 -3.63
N ALA A 542 25.57 -2.01 -4.77
CA ALA A 542 26.83 -2.74 -4.86
C ALA A 542 27.86 -2.22 -3.85
N ALA A 543 27.84 -0.92 -3.55
CA ALA A 543 28.77 -0.34 -2.57
C ALA A 543 28.35 -0.56 -1.12
N HIS A 544 27.16 -1.10 -0.85
CA HIS A 544 26.60 -1.20 0.51
C HIS A 544 26.20 -2.64 0.83
N GLN A 545 27.02 -3.62 0.42
CA GLN A 545 26.63 -5.00 0.62
C GLN A 545 26.70 -5.42 2.10
N ASP A 546 27.55 -4.76 2.89
CA ASP A 546 27.58 -4.98 4.33
C ASP A 546 26.26 -4.54 4.96
N ASP A 547 25.80 -3.33 4.61
CA ASP A 547 24.52 -2.87 5.12
C ASP A 547 23.40 -3.79 4.66
N VAL A 548 23.45 -4.25 3.40
CA VAL A 548 22.41 -5.16 2.90
C VAL A 548 22.40 -6.45 3.71
N SER A 549 23.58 -6.98 4.02
CA SER A 549 23.65 -8.20 4.82
C SER A 549 23.14 -7.96 6.24
N TYR A 550 23.44 -6.79 6.83
CA TYR A 550 22.92 -6.46 8.15
C TYR A 550 21.38 -6.53 8.15
N MET A 551 20.75 -5.91 7.14
CA MET A 551 19.29 -5.94 7.07
C MET A 551 18.77 -7.37 6.88
N ARG A 552 19.42 -8.15 6.02
CA ARG A 552 19.04 -9.56 5.87
C ARG A 552 19.19 -10.30 7.19
N SER A 553 20.22 -9.96 7.97
CA SER A 553 20.40 -10.58 9.29
C SER A 553 19.31 -10.18 10.26
N LEU A 554 18.93 -8.88 10.28
CA LEU A 554 17.82 -8.46 11.13
C LEU A 554 16.57 -9.23 10.78
N ILE A 555 16.29 -9.41 9.49
CA ILE A 555 15.08 -10.07 9.06
C ILE A 555 15.10 -11.53 9.50
N ALA A 556 16.25 -12.18 9.37
CA ALA A 556 16.35 -13.57 9.82
C ALA A 556 16.24 -13.67 11.34
N LEU A 557 16.72 -12.67 12.09
CA LEU A 557 16.55 -12.69 13.54
C LEU A 557 15.07 -12.65 13.94
N ARG A 558 14.28 -11.80 13.27
CA ARG A 558 12.86 -11.76 13.56
C ARG A 558 12.18 -13.10 13.26
N LYS A 559 12.55 -13.72 12.12
CA LYS A 559 11.95 -14.99 11.73
C LYS A 559 12.31 -16.10 12.72
N ALA A 560 13.49 -16.04 13.33
CA ALA A 560 13.89 -17.06 14.28
C ALA A 560 13.21 -16.92 15.64
N HIS A 561 12.52 -15.81 15.92
CA HIS A 561 12.03 -15.56 17.27
C HIS A 561 10.57 -15.14 17.28
N PRO A 562 9.66 -16.12 17.46
CA PRO A 562 8.22 -15.78 17.59
C PRO A 562 7.90 -14.77 18.69
N ALA A 563 8.78 -14.58 19.67
CA ALA A 563 8.56 -13.60 20.72
C ALA A 563 8.45 -12.18 20.15
N PHE A 564 9.11 -11.90 19.03
CA PHE A 564 8.99 -10.60 18.37
C PHE A 564 7.67 -10.42 17.62
N ARG A 565 6.85 -11.47 17.54
CA ARG A 565 5.72 -11.50 16.61
C ARG A 565 4.43 -11.91 17.29
N LEU A 566 4.23 -11.50 18.54
CA LEU A 566 3.04 -11.93 19.28
C LEU A 566 1.77 -11.45 18.60
N LYS A 567 0.73 -12.28 18.67
CA LYS A 567 -0.51 -12.11 17.93
C LYS A 567 -1.53 -11.25 18.66
N THR A 568 -1.51 -11.25 20.00
CA THR A 568 -2.56 -10.62 20.79
C THR A 568 -1.96 -9.69 21.82
N ALA A 569 -2.80 -8.75 22.27
CA ALA A 569 -2.38 -7.77 23.27
C ALA A 569 -2.20 -8.43 24.63
N ASP A 570 -3.03 -9.41 24.97
CA ASP A 570 -2.88 -10.10 26.24
C ASP A 570 -1.51 -10.75 26.38
N GLU A 571 -1.02 -11.35 25.28
CA GLU A 571 0.32 -11.93 25.30
C GLU A 571 1.39 -10.88 25.55
N ILE A 572 1.25 -9.70 24.95
CA ILE A 572 2.25 -8.65 25.12
C ILE A 572 2.25 -8.14 26.56
N ARG A 573 1.06 -7.90 27.13
CA ARG A 573 1.00 -7.40 28.50
C ARG A 573 1.53 -8.43 29.49
N ALA A 574 1.44 -9.72 29.16
CA ALA A 574 1.94 -10.78 30.03
C ALA A 574 3.43 -11.12 29.82
N HIS A 575 4.01 -10.92 28.62
CA HIS A 575 5.39 -11.36 28.39
C HIS A 575 6.40 -10.22 28.18
N LEU A 576 5.96 -9.01 27.87
CA LEU A 576 6.86 -7.90 27.60
C LEU A 576 7.06 -7.08 28.86
N ARG A 577 8.31 -6.78 29.20
CA ARG A 577 8.62 -5.99 30.38
CA ARG A 577 8.62 -5.98 30.37
C ARG A 577 9.69 -4.96 30.03
N PHE A 578 9.43 -3.69 30.37
CA PHE A 578 10.43 -2.65 30.16
C PHE A 578 11.34 -2.59 31.37
N GLU A 579 12.64 -2.55 31.10
CA GLU A 579 13.63 -2.53 32.16
C GLU A 579 14.10 -1.10 32.38
N ALA A 580 14.60 -0.87 33.59
CA ALA A 580 15.23 0.40 33.90
C ALA A 580 16.40 0.61 32.94
N ALA A 581 16.42 1.78 32.30
CA ALA A 581 17.48 2.07 31.36
C ALA A 581 17.73 3.56 31.34
N PRO A 582 18.96 3.99 31.09
CA PRO A 582 19.32 5.40 31.19
C PRO A 582 18.79 6.20 30.02
N PRO A 583 18.86 7.53 30.07
CA PRO A 583 18.39 8.34 28.93
C PRO A 583 19.10 7.94 27.65
N HIS A 584 18.40 8.09 26.51
CA HIS A 584 18.88 7.74 25.18
C HIS A 584 19.09 6.23 25.01
N THR A 585 18.47 5.42 25.86
CA THR A 585 18.36 3.99 25.61
C THR A 585 16.94 3.55 25.92
N VAL A 586 16.58 2.40 25.37
CA VAL A 586 15.41 1.64 25.77
C VAL A 586 15.90 0.21 25.97
N ALA A 587 15.50 -0.41 27.07
CA ALA A 587 15.76 -1.83 27.29
C ALA A 587 14.46 -2.52 27.64
N PHE A 588 14.28 -3.75 27.14
CA PHE A 588 13.13 -4.54 27.53
C PHE A 588 13.47 -6.03 27.48
N THR A 589 12.65 -6.82 28.16
CA THR A 589 12.74 -8.27 28.05
C THR A 589 11.42 -8.82 27.50
N LEU A 590 11.54 -9.94 26.79
CA LEU A 590 10.40 -10.75 26.39
C LEU A 590 10.58 -12.06 27.13
N ARG A 591 9.74 -12.30 28.13
CA ARG A 591 9.99 -13.34 29.11
C ARG A 591 9.20 -14.60 28.81
N ASP A 592 9.74 -15.73 29.28
CA ASP A 592 9.01 -17.01 29.38
C ASP A 592 8.45 -17.48 28.03
N HIS A 593 9.36 -17.74 27.09
CA HIS A 593 9.03 -18.45 25.84
C HIS A 593 7.86 -17.80 25.10
N ALA A 594 7.91 -16.48 25.03
CA ALA A 594 6.81 -15.68 24.49
C ALA A 594 6.45 -16.13 23.08
N GLY A 595 5.18 -16.50 22.89
CA GLY A 595 4.72 -16.92 21.58
C GLY A 595 5.38 -18.17 21.04
N GLY A 596 5.96 -19.00 21.89
CA GLY A 596 6.63 -20.20 21.42
C GLY A 596 8.08 -20.02 21.08
N ASP A 597 8.72 -18.97 21.60
CA ASP A 597 10.13 -18.74 21.32
C ASP A 597 10.95 -19.93 21.80
N PRO A 598 11.97 -20.36 21.04
CA PRO A 598 12.86 -21.43 21.54
C PRO A 598 13.59 -21.07 22.81
N ASP A 599 13.98 -19.81 22.99
CA ASP A 599 14.72 -19.46 24.19
C ASP A 599 13.77 -19.09 25.32
N ARG A 600 14.27 -19.20 26.54
CA ARG A 600 13.46 -18.97 27.73
C ARG A 600 13.14 -17.49 27.90
N HIS A 601 14.11 -16.60 27.68
CA HIS A 601 13.90 -15.17 27.75
C HIS A 601 14.77 -14.49 26.69
N LEU A 602 14.32 -13.33 26.24
CA LEU A 602 15.08 -12.46 25.35
C LEU A 602 15.25 -11.10 26.03
N TYR A 603 16.39 -10.47 25.78
CA TYR A 603 16.69 -9.13 26.27
C TYR A 603 17.09 -8.29 25.07
N VAL A 604 16.49 -7.10 24.93
CA VAL A 604 16.78 -6.21 23.80
C VAL A 604 17.19 -4.85 24.33
N LEU A 605 18.30 -4.32 23.82
CA LEU A 605 18.78 -2.98 24.15
C LEU A 605 18.82 -2.14 22.86
N TYR A 606 18.10 -1.03 22.85
CA TYR A 606 18.24 -0.02 21.82
C TYR A 606 19.13 1.08 22.39
N ASN A 607 20.34 1.20 21.89
CA ASN A 607 21.32 2.08 22.47
C ASN A 607 21.66 3.20 21.50
N ALA A 608 21.18 4.41 21.79
CA ALA A 608 21.52 5.61 21.05
C ALA A 608 22.56 6.46 21.78
N ASN A 609 23.24 5.87 22.77
CA ASN A 609 24.30 6.54 23.52
C ASN A 609 25.64 6.13 22.93
N PRO A 610 26.44 7.06 22.42
CA PRO A 610 27.68 6.66 21.72
C PRO A 610 28.82 6.19 22.63
N GLY A 611 28.79 6.51 23.93
CA GLY A 611 29.88 6.18 24.84
C GLY A 611 29.75 4.81 25.48
N ALA A 612 30.50 4.60 26.55
CA ALA A 612 30.48 3.32 27.25
C ALA A 612 29.47 3.34 28.39
N LEU A 613 28.71 2.25 28.51
CA LEU A 613 27.71 2.09 29.55
C LEU A 613 27.89 0.74 30.22
N SER A 614 27.56 0.69 31.51
CA SER A 614 27.50 -0.53 32.30
C SER A 614 26.05 -0.67 32.78
N LEU A 615 25.36 -1.69 32.28
CA LEU A 615 23.92 -1.86 32.50
C LEU A 615 23.64 -3.04 33.41
N GLU A 616 22.69 -2.86 34.33
CA GLU A 616 22.11 -3.98 35.05
C GLU A 616 21.20 -4.79 34.13
N LEU A 617 21.31 -6.11 34.20
CA LEU A 617 20.42 -7.05 33.52
C LEU A 617 19.53 -7.75 34.52
N PRO A 618 18.25 -8.01 34.18
CA PRO A 618 17.40 -8.77 35.10
C PRO A 618 17.98 -10.16 35.31
N ALA A 619 17.74 -10.68 36.52
CA ALA A 619 18.31 -11.97 36.95
C ALA A 619 17.37 -13.10 36.51
N LEU A 620 17.48 -13.45 35.24
CA LEU A 620 16.59 -14.44 34.64
C LEU A 620 17.31 -15.70 34.17
N GLY A 621 18.62 -15.80 34.44
CA GLY A 621 19.38 -16.96 34.01
C GLY A 621 20.64 -16.54 33.28
N PRO A 622 21.36 -17.53 32.74
CA PRO A 622 22.64 -17.23 32.08
C PRO A 622 22.50 -16.61 30.70
N TRP A 623 22.52 -15.29 30.62
CA TRP A 623 22.41 -14.59 29.34
C TRP A 623 23.55 -14.96 28.40
N GLU A 624 23.28 -14.90 27.09
CA GLU A 624 24.32 -15.04 26.09
C GLU A 624 23.98 -14.15 24.89
N VAL A 625 25.01 -13.73 24.17
CA VAL A 625 24.84 -12.77 23.08
C VAL A 625 24.25 -13.46 21.86
N ARG A 626 23.21 -12.87 21.28
CA ARG A 626 22.65 -13.40 20.03
C ARG A 626 22.71 -12.43 18.85
N PHE A 627 22.85 -11.13 19.10
CA PHE A 627 22.92 -10.16 18.01
C PHE A 627 23.56 -8.91 18.57
N GLY A 628 24.31 -8.21 17.72
CA GLY A 628 24.96 -7.00 18.18
C GLY A 628 26.19 -7.24 19.02
N GLY A 629 26.77 -8.43 18.93
CA GLY A 629 27.99 -8.76 19.66
C GLY A 629 29.11 -7.75 19.45
N GLU A 630 29.12 -7.05 18.32
CA GLU A 630 30.15 -6.04 18.11
C GLU A 630 30.05 -4.87 19.07
N HIS A 631 28.89 -4.65 19.73
CA HIS A 631 28.77 -3.58 20.71
C HIS A 631 29.03 -4.03 22.15
N VAL A 632 29.23 -5.33 22.38
CA VAL A 632 29.26 -5.91 23.71
C VAL A 632 30.71 -6.12 24.11
N LEU A 633 31.16 -5.39 25.14
CA LEU A 633 32.51 -5.61 25.67
C LEU A 633 32.55 -6.80 26.63
N ALA A 634 31.48 -7.03 27.38
CA ALA A 634 31.43 -8.19 28.28
C ALA A 634 30.03 -8.46 28.74
N LEU A 635 29.82 -9.69 29.19
CA LEU A 635 28.53 -10.17 29.68
C LEU A 635 28.82 -11.01 30.93
N GLU A 636 28.55 -10.44 32.10
CA GLU A 636 29.04 -10.97 33.36
C GLU A 636 27.90 -11.51 34.21
N ALA A 637 28.14 -12.66 34.85
CA ALA A 637 27.35 -13.18 35.98
C ALA A 637 25.84 -13.16 35.78
N ALA A 659 24.61 -9.54 37.67
CA ALA A 659 24.45 -9.76 36.22
C ALA A 659 24.40 -8.43 35.47
N ARG A 660 25.39 -8.20 34.60
CA ARG A 660 25.61 -6.87 34.02
C ARG A 660 26.13 -6.99 32.58
N LEU A 661 25.82 -5.97 31.80
CA LEU A 661 26.21 -5.89 30.40
C LEU A 661 27.06 -4.64 30.19
N GLU A 662 28.23 -4.79 29.58
CA GLU A 662 29.11 -3.66 29.28
C GLU A 662 29.05 -3.41 27.78
N VAL A 663 28.66 -2.20 27.38
CA VAL A 663 28.38 -1.86 25.99
C VAL A 663 29.05 -0.55 25.61
N ARG A 664 29.41 -0.44 24.34
CA ARG A 664 29.81 0.80 23.71
C ARG A 664 29.16 0.87 22.34
N GLY A 665 28.73 2.06 21.92
CA GLY A 665 28.33 2.12 20.52
C GLY A 665 26.83 2.25 20.35
N VAL A 666 26.43 2.87 19.23
CA VAL A 666 25.04 3.04 18.84
C VAL A 666 24.62 1.79 18.08
N GLY A 667 23.59 1.12 18.56
CA GLY A 667 23.09 -0.07 17.88
C GLY A 667 22.30 -0.93 18.83
N VAL A 668 21.70 -1.98 18.26
CA VAL A 668 20.84 -2.91 19.01
C VAL A 668 21.69 -4.06 19.51
N VAL A 669 21.42 -4.51 20.72
CA VAL A 669 22.02 -5.73 21.26
C VAL A 669 20.90 -6.66 21.66
N VAL A 670 20.99 -7.92 21.26
CA VAL A 670 20.02 -8.93 21.66
C VAL A 670 20.75 -10.05 22.41
N LEU A 671 20.23 -10.38 23.59
CA LEU A 671 20.69 -11.47 24.43
C LEU A 671 19.54 -12.43 24.64
N ALA A 672 19.87 -13.66 25.00
CA ALA A 672 18.88 -14.69 25.27
C ALA A 672 19.37 -15.59 26.40
N VAL A 673 18.42 -16.05 27.19
CA VAL A 673 18.64 -17.16 28.12
C VAL A 673 18.17 -18.42 27.41
N PRO A 674 19.04 -19.39 27.13
CA PRO A 674 18.61 -20.59 26.41
C PRO A 674 17.66 -21.42 27.26
N ARG A 675 16.95 -22.33 26.59
CA ARG A 675 16.09 -23.27 27.30
C ARG A 675 16.93 -24.15 28.23
C1 GLC B . -0.38 13.07 10.90
C2 GLC B . 0.68 12.07 10.39
C3 GLC B . 1.22 12.48 9.03
C4 GLC B . 0.09 12.71 8.04
C5 GLC B . -0.93 13.68 8.63
C6 GLC B . -2.13 13.85 7.69
O1 GLC B . 0.19 14.34 11.28
O2 GLC B . 1.74 11.95 11.34
O3 GLC B . 2.06 11.45 8.50
O4 GLC B . 0.62 13.26 6.82
O5 GLC B . -1.40 13.26 9.90
O6 GLC B . -2.94 14.90 8.21
C1 GLC B . 0.60 12.33 5.71
C2 GLC B . 1.93 12.43 4.95
C3 GLC B . 2.08 13.84 4.38
C4 GLC B . 0.87 14.22 3.53
C5 GLC B . -0.42 13.97 4.32
C6 GLC B . -1.66 14.29 3.48
O2 GLC B . 3.01 12.08 5.82
O3 GLC B . 3.28 13.93 3.60
O4 GLC B . 0.92 15.58 3.11
O5 GLC B . -0.45 12.61 4.78
O6 GLC B . -1.70 13.39 2.36
C1 GLC C . -1.05 10.09 0.62
C2 GLC C . 0.04 9.36 -0.15
C3 GLC C . 0.79 10.42 -0.96
C4 GLC C . -0.13 10.89 -2.09
C5 GLC C . -1.60 11.08 -1.64
C6 GLC C . -2.52 10.41 -2.66
O1 GLC C . -0.55 11.11 1.50
O2 GLC C . 0.87 8.53 0.68
O3 GLC C . 2.00 9.81 -1.43
O4 GLC C . 0.22 12.18 -2.66
O5 GLC C . -1.99 10.62 -0.32
O6 GLC C . -3.88 10.59 -2.25
C1 GLC C . 1.24 12.20 -3.68
C2 GLC C . 2.09 13.45 -3.43
C3 GLC C . 1.34 14.74 -3.77
C4 GLC C . 0.71 14.68 -5.16
C5 GLC C . -0.04 13.37 -5.37
C6 GLC C . -0.48 13.34 -6.83
O2 GLC C . 2.49 13.51 -2.05
O3 GLC C . 2.22 15.88 -3.72
O4 GLC C . -0.18 15.79 -5.33
O5 GLC C . 0.76 12.23 -5.04
O6 GLC C . -1.62 12.52 -6.99
C1 GLC D . 28.20 -7.68 7.47
C2 GLC D . 27.51 -6.60 8.30
C3 GLC D . 27.38 -7.08 9.73
C4 GLC D . 26.53 -8.34 9.73
C5 GLC D . 27.24 -9.39 8.87
C6 GLC D . 26.45 -10.68 8.80
O1 GLC D . 29.53 -7.89 7.97
O2 GLC D . 28.29 -5.41 8.25
O3 GLC D . 26.85 -6.08 10.62
O4 GLC D . 26.42 -8.79 11.09
O5 GLC D . 27.44 -8.90 7.54
O6 GLC D . 25.22 -10.37 8.14
C1 GLC D . 25.10 -8.62 11.61
C2 GLC D . 25.18 -8.14 13.05
C3 GLC D . 25.80 -9.22 13.96
C4 GLC D . 25.12 -10.57 13.72
C5 GLC D . 25.16 -10.87 12.22
C6 GLC D . 24.63 -12.25 11.82
O2 GLC D . 25.94 -6.93 13.12
O3 GLC D . 25.69 -8.86 15.35
O4 GLC D . 25.79 -11.58 14.47
O5 GLC D . 24.40 -9.85 11.57
O6 GLC D . 23.22 -12.36 12.10
CA CA E . -2.58 5.24 -17.34
CA CA F . -8.53 -11.33 9.29
CL CL G . -10.82 12.94 12.48
CL CL H . 7.86 2.76 -19.71
#